data_5M5S
#
_entry.id   5M5S
#
_cell.length_a   139.967
_cell.length_b   134.110
_cell.length_c   78.012
_cell.angle_alpha   90.00
_cell.angle_beta   115.07
_cell.angle_gamma   90.00
#
_symmetry.space_group_name_H-M   'C 1 2 1'
#
loop_
_entity.id
_entity.type
_entity.pdbx_description
1 polymer 'Clathrin heavy chain 1'
2 polymer Amphiphysin
3 non-polymer GLYCEROL
4 water water
#
loop_
_entity_poly.entity_id
_entity_poly.type
_entity_poly.pdbx_seq_one_letter_code
_entity_poly.pdbx_strand_id
1 'polypeptide(L)'
;GSMAQILPIRFQEHLQLQNLGINPANIGFSTLTMESDKFICIREKVGEQAQVVIIDMNDPSNPIRRPISADSAIMNPASK
VIALKAGKTLQIFNIEMKSKMKAHTMTDDVTFWKWISLNTVALVTDNAVYHWSMEGESQPVKMFDRHSSLAGCQIINYRT
DAKQKWLLLTGISAQQNRVVGAMQLYSVDRKVSQPIEGHAASFAQFKMEGNAEESTLFCFAVRGQAGGKLHIIEVGTPPT
GNQPFPKKAVDVFFPPEAQNDFPVAMQISEKHDVVFLITKYGYIHLYDLETGTCIYMNRISGETIFVTAPHEATAGIIGV
NRKGQVLSVCVEEENIIPYITNVLQNPDLALRMAVRNNLAGAEEL
;
A,B
2 'polypeptide(L)' ETLLDLDFDP E,F,G,H
#
# COMPACT_ATOMS: atom_id res chain seq x y z
N ILE A 6 1.71 13.63 19.44
CA ILE A 6 0.55 13.52 18.50
C ILE A 6 0.18 12.07 18.22
N LEU A 7 -1.10 11.80 18.08
CA LEU A 7 -1.60 10.47 17.71
C LEU A 7 -2.26 10.55 16.34
N PRO A 8 -2.24 9.44 15.58
CA PRO A 8 -2.90 9.40 14.27
C PRO A 8 -4.42 9.19 14.32
N ILE A 9 -4.98 8.96 15.53
CA ILE A 9 -6.42 8.77 15.73
C ILE A 9 -6.97 9.73 16.76
N ARG A 10 -8.30 9.89 16.77
CA ARG A 10 -9.03 10.68 17.76
C ARG A 10 -10.04 9.75 18.44
N PHE A 11 -10.01 9.72 19.79
CA PHE A 11 -10.97 8.95 20.63
C PHE A 11 -12.03 9.90 21.11
N GLN A 12 -13.28 9.44 21.16
CA GLN A 12 -14.38 10.22 21.72
C GLN A 12 -15.39 9.37 22.49
N GLU A 13 -15.74 9.80 23.71
CA GLU A 13 -16.85 9.22 24.47
C GLU A 13 -18.13 9.97 24.10
N HIS A 14 -19.13 9.24 23.62
CA HIS A 14 -20.44 9.84 23.28
C HIS A 14 -21.46 9.76 24.41
N LEU A 15 -21.53 8.62 25.09
CA LEU A 15 -22.55 8.37 26.15
C LEU A 15 -22.08 7.38 27.19
N GLN A 16 -22.66 7.47 28.39
CA GLN A 16 -22.62 6.39 29.38
C GLN A 16 -24.06 5.90 29.54
N LEU A 17 -24.36 4.69 29.05
CA LEU A 17 -25.73 4.15 29.09
C LEU A 17 -26.31 3.99 30.50
N GLN A 18 -25.47 3.71 31.50
CA GLN A 18 -25.96 3.61 32.90
C GLN A 18 -26.54 4.93 33.43
N ASN A 19 -26.06 6.06 32.92
CA ASN A 19 -26.65 7.37 33.24
C ASN A 19 -28.02 7.63 32.58
N LEU A 20 -28.44 6.79 31.62
CA LEU A 20 -29.78 6.87 31.04
C LEU A 20 -30.73 5.86 31.64
N GLY A 21 -30.38 5.29 32.80
CA GLY A 21 -31.25 4.36 33.49
C GLY A 21 -31.19 2.93 33.03
N ILE A 22 -30.15 2.56 32.28
CA ILE A 22 -30.01 1.19 31.79
C ILE A 22 -29.36 0.27 32.85
N ASN A 23 -29.97 -0.89 33.08
CA ASN A 23 -29.47 -1.87 34.03
C ASN A 23 -28.22 -2.52 33.44
N PRO A 24 -27.08 -2.54 34.17
CA PRO A 24 -25.86 -3.09 33.56
C PRO A 24 -25.94 -4.57 33.11
N ALA A 25 -26.81 -5.35 33.74
CA ALA A 25 -27.09 -6.73 33.29
C ALA A 25 -27.63 -6.84 31.87
N ASN A 26 -28.25 -5.78 31.36
CA ASN A 26 -28.76 -5.78 29.99
C ASN A 26 -27.82 -5.17 28.95
N ILE A 27 -26.62 -4.79 29.35
CA ILE A 27 -25.63 -4.26 28.43
C ILE A 27 -24.76 -5.42 27.95
N GLY A 28 -25.17 -6.05 26.85
CA GLY A 28 -24.46 -7.21 26.32
C GLY A 28 -25.04 -7.71 25.01
N PHE A 29 -24.39 -8.72 24.43
CA PHE A 29 -24.65 -9.17 23.03
C PHE A 29 -26.10 -9.62 22.78
N SER A 30 -26.71 -10.31 23.75
CA SER A 30 -28.04 -10.85 23.50
C SER A 30 -29.16 -9.81 23.69
N THR A 31 -28.88 -8.69 24.37
CA THR A 31 -29.94 -7.74 24.74
C THR A 31 -29.77 -6.32 24.21
N LEU A 32 -28.58 -5.97 23.68
CA LEU A 32 -28.30 -4.62 23.17
C LEU A 32 -27.86 -4.72 21.74
N THR A 33 -28.51 -3.96 20.86
CA THR A 33 -28.21 -3.99 19.42
C THR A 33 -27.92 -2.58 18.93
N MET A 34 -26.97 -2.50 17.99
CA MET A 34 -26.55 -1.25 17.38
C MET A 34 -26.25 -1.55 15.91
N GLU A 35 -27.29 -1.42 15.11
CA GLU A 35 -27.26 -1.80 13.71
C GLU A 35 -26.66 -0.68 12.85
N SER A 36 -26.63 0.53 13.37
CA SER A 36 -25.90 1.65 12.77
C SER A 36 -25.61 2.66 13.88
N ASP A 37 -24.97 3.78 13.55
CA ASP A 37 -24.74 4.85 14.53
C ASP A 37 -25.96 5.73 14.86
N LYS A 38 -27.14 5.42 14.31
CA LYS A 38 -28.32 6.26 14.48
CA LYS A 38 -28.32 6.26 14.48
C LYS A 38 -29.13 5.90 15.73
N PHE A 39 -29.14 4.61 16.09
CA PHE A 39 -29.95 4.11 17.24
C PHE A 39 -29.25 3.01 18.05
N ILE A 40 -29.59 2.91 19.33
CA ILE A 40 -29.25 1.74 20.15
C ILE A 40 -30.55 1.26 20.78
N CYS A 41 -30.78 -0.06 20.73
N CYS A 41 -30.83 -0.04 20.75
CA CYS A 41 -31.94 -0.71 21.35
CA CYS A 41 -31.97 -0.52 21.51
C CYS A 41 -31.53 -1.70 22.46
C CYS A 41 -31.65 -1.72 22.41
N ILE A 42 -32.20 -1.65 23.62
CA ILE A 42 -31.87 -2.56 24.74
C ILE A 42 -33.18 -3.20 25.23
N ARG A 43 -33.18 -4.53 25.33
CA ARG A 43 -34.30 -5.27 25.92
C ARG A 43 -34.10 -5.36 27.43
N GLU A 44 -35.09 -4.92 28.21
CA GLU A 44 -35.05 -4.99 29.67
C GLU A 44 -36.37 -5.62 30.16
N LYS A 45 -36.34 -6.18 31.37
CA LYS A 45 -37.55 -6.70 32.01
C LYS A 45 -37.75 -6.01 33.37
N VAL A 46 -38.84 -5.25 33.49
CA VAL A 46 -39.28 -4.62 34.74
C VAL A 46 -40.52 -5.38 35.21
N GLY A 47 -40.44 -6.00 36.40
CA GLY A 47 -41.47 -6.94 36.84
C GLY A 47 -41.57 -8.10 35.86
N GLU A 48 -42.80 -8.50 35.53
CA GLU A 48 -43.05 -9.51 34.47
C GLU A 48 -43.17 -8.89 33.07
N GLN A 49 -43.18 -7.54 32.96
CA GLN A 49 -43.30 -6.87 31.65
C GLN A 49 -41.96 -6.61 30.95
N ALA A 50 -41.70 -7.37 29.90
CA ALA A 50 -40.58 -7.09 29.00
C ALA A 50 -40.79 -5.78 28.24
N GLN A 51 -39.71 -5.05 28.01
CA GLN A 51 -39.75 -3.81 27.25
C GLN A 51 -38.49 -3.57 26.43
N VAL A 52 -38.59 -2.66 25.46
CA VAL A 52 -37.46 -2.21 24.64
C VAL A 52 -37.22 -0.73 24.91
N VAL A 53 -35.95 -0.38 25.13
CA VAL A 53 -35.56 1.01 25.29
C VAL A 53 -34.85 1.42 24.00
N ILE A 54 -35.33 2.50 23.37
CA ILE A 54 -34.82 3.00 22.08
C ILE A 54 -34.16 4.36 22.32
N ILE A 55 -32.86 4.42 22.04
CA ILE A 55 -32.06 5.61 22.22
C ILE A 55 -31.76 6.17 20.82
N ASP A 56 -32.34 7.32 20.54
CA ASP A 56 -32.02 8.10 19.35
C ASP A 56 -30.68 8.79 19.60
N MET A 57 -29.68 8.45 18.81
CA MET A 57 -28.34 9.02 19.03
C MET A 57 -28.22 10.51 18.71
N ASN A 58 -29.22 11.10 18.04
CA ASN A 58 -29.30 12.54 17.89
C ASN A 58 -30.14 13.25 18.96
N ASP A 59 -30.68 12.51 19.93
CA ASP A 59 -31.42 13.09 21.05
C ASP A 59 -31.45 12.07 22.19
N PRO A 60 -30.25 11.69 22.68
CA PRO A 60 -30.13 10.51 23.55
C PRO A 60 -30.60 10.70 24.99
N SER A 61 -30.81 11.95 25.42
CA SER A 61 -31.28 12.18 26.78
C SER A 61 -32.78 11.92 26.92
N ASN A 62 -33.47 11.69 25.79
CA ASN A 62 -34.91 11.36 25.78
C ASN A 62 -35.23 9.98 25.17
N PRO A 63 -34.79 8.90 25.84
CA PRO A 63 -35.08 7.55 25.33
C PRO A 63 -36.52 7.14 25.52
N ILE A 64 -37.04 6.30 24.63
CA ILE A 64 -38.41 5.79 24.70
C ILE A 64 -38.41 4.34 25.19
N ARG A 65 -39.30 4.02 26.13
CA ARG A 65 -39.55 2.63 26.58
C ARG A 65 -40.92 2.18 26.11
N ARG A 66 -40.99 1.08 25.37
CA ARG A 66 -42.28 0.50 24.91
C ARG A 66 -42.39 -0.94 25.42
N PRO A 67 -43.62 -1.41 25.76
CA PRO A 67 -43.81 -2.84 26.03
C PRO A 67 -43.59 -3.76 24.81
N ILE A 68 -42.94 -4.91 25.01
CA ILE A 68 -42.77 -5.94 23.96
C ILE A 68 -43.02 -7.36 24.46
N SER A 69 -43.18 -8.28 23.51
N SER A 69 -43.13 -8.29 23.52
CA SER A 69 -43.20 -9.72 23.77
CA SER A 69 -43.15 -9.72 23.83
C SER A 69 -42.26 -10.42 22.79
C SER A 69 -42.25 -10.46 22.83
N ALA A 70 -40.99 -10.03 22.77
CA ALA A 70 -40.03 -10.52 21.77
C ALA A 70 -38.75 -10.95 22.42
N ASP A 71 -38.05 -11.89 21.81
CA ASP A 71 -36.72 -12.31 22.30
C ASP A 71 -35.54 -11.55 21.67
N SER A 72 -35.79 -10.68 20.70
CA SER A 72 -34.75 -9.90 20.01
C SER A 72 -35.41 -8.72 19.25
N ALA A 73 -34.70 -7.60 19.17
CA ALA A 73 -35.14 -6.39 18.46
C ALA A 73 -33.96 -5.71 17.72
N ILE A 74 -34.15 -5.39 16.44
CA ILE A 74 -33.14 -4.69 15.62
C ILE A 74 -33.76 -3.54 14.82
N MET A 75 -33.24 -2.33 15.05
N MET A 75 -33.25 -2.33 15.07
CA MET A 75 -33.72 -1.15 14.36
CA MET A 75 -33.72 -1.14 14.38
C MET A 75 -33.06 -1.08 12.99
C MET A 75 -33.05 -1.08 13.00
N ASN A 76 -33.82 -0.61 12.01
CA ASN A 76 -33.29 -0.31 10.67
C ASN A 76 -32.11 0.68 10.75
N PRO A 77 -31.12 0.58 9.84
CA PRO A 77 -29.98 1.52 9.90
C PRO A 77 -30.31 3.00 9.78
N ALA A 78 -31.39 3.37 9.07
CA ALA A 78 -31.65 4.78 8.77
C ALA A 78 -33.00 5.34 9.18
N SER A 79 -33.93 4.52 9.64
CA SER A 79 -35.32 4.91 9.82
C SER A 79 -35.88 4.27 11.10
N LYS A 80 -36.94 4.84 11.66
CA LYS A 80 -37.62 4.27 12.86
C LYS A 80 -38.56 3.14 12.44
N VAL A 81 -37.93 2.09 11.91
CA VAL A 81 -38.58 0.88 11.49
C VAL A 81 -37.85 -0.22 12.27
N ILE A 82 -38.59 -1.04 13.02
CA ILE A 82 -37.98 -2.02 13.94
C ILE A 82 -38.46 -3.45 13.64
N ALA A 83 -37.50 -4.39 13.63
CA ALA A 83 -37.80 -5.81 13.50
C ALA A 83 -37.73 -6.51 14.84
N LEU A 84 -38.78 -7.27 15.15
CA LEU A 84 -38.89 -8.02 16.39
C LEU A 84 -39.18 -9.48 16.11
N LYS A 85 -38.66 -10.37 16.95
CA LYS A 85 -39.01 -11.79 16.83
C LYS A 85 -39.30 -12.46 18.17
N ALA A 86 -40.14 -13.49 18.10
CA ALA A 86 -40.42 -14.38 19.23
C ALA A 86 -40.48 -15.81 18.69
N GLY A 87 -39.41 -16.56 18.89
CA GLY A 87 -39.27 -17.89 18.30
C GLY A 87 -39.35 -17.82 16.79
N LYS A 88 -40.39 -18.44 16.21
CA LYS A 88 -40.54 -18.48 14.75
C LYS A 88 -41.30 -17.27 14.16
N THR A 89 -41.87 -16.41 15.02
CA THR A 89 -42.69 -15.28 14.56
C THR A 89 -41.80 -14.05 14.37
N LEU A 90 -41.78 -13.51 13.15
CA LEU A 90 -41.08 -12.27 12.83
C LEU A 90 -42.10 -11.18 12.50
N GLN A 91 -41.92 -9.98 13.05
CA GLN A 91 -42.79 -8.83 12.77
C GLN A 91 -41.99 -7.55 12.59
N ILE A 92 -42.42 -6.71 11.64
CA ILE A 92 -41.75 -5.45 11.31
C ILE A 92 -42.75 -4.30 11.53
N PHE A 93 -42.34 -3.28 12.27
CA PHE A 93 -43.19 -2.12 12.59
C PHE A 93 -42.59 -0.79 12.13
N ASN A 94 -43.43 0.07 11.55
CA ASN A 94 -43.04 1.47 11.33
C ASN A 94 -43.57 2.23 12.55
N ILE A 95 -42.65 2.71 13.40
CA ILE A 95 -43.01 3.26 14.72
C ILE A 95 -43.80 4.57 14.60
N GLU A 96 -43.37 5.49 13.75
N GLU A 96 -43.34 5.47 13.75
CA GLU A 96 -44.07 6.75 13.59
CA GLU A 96 -44.02 6.76 13.55
C GLU A 96 -45.45 6.56 12.94
C GLU A 96 -45.42 6.56 12.93
N MET A 97 -45.60 5.54 12.10
CA MET A 97 -46.93 5.21 11.54
C MET A 97 -47.80 4.36 12.50
N LYS A 98 -47.21 3.88 13.59
CA LYS A 98 -47.86 2.98 14.57
C LYS A 98 -48.48 1.79 13.86
N SER A 99 -47.74 1.15 12.97
CA SER A 99 -48.31 0.11 12.12
CA SER A 99 -48.31 0.11 12.12
C SER A 99 -47.41 -1.10 11.90
N LYS A 100 -48.05 -2.27 11.83
CA LYS A 100 -47.40 -3.52 11.50
C LYS A 100 -47.33 -3.64 9.98
N MET A 101 -46.13 -3.47 9.44
N MET A 101 -46.11 -3.38 9.47
CA MET A 101 -45.94 -3.49 8.00
CA MET A 101 -45.74 -3.48 8.06
C MET A 101 -45.72 -4.89 7.41
C MET A 101 -45.88 -4.90 7.53
N LYS A 102 -45.19 -5.83 8.19
CA LYS A 102 -44.97 -7.18 7.71
CA LYS A 102 -45.00 -7.18 7.68
C LYS A 102 -45.01 -8.18 8.86
N ALA A 103 -45.40 -9.43 8.54
CA ALA A 103 -45.38 -10.55 9.50
C ALA A 103 -45.03 -11.83 8.74
N HIS A 104 -44.16 -12.65 9.29
CA HIS A 104 -43.78 -13.92 8.66
C HIS A 104 -43.49 -14.97 9.75
N THR A 105 -43.99 -16.19 9.54
CA THR A 105 -43.69 -17.32 10.41
C THR A 105 -42.66 -18.26 9.77
N MET A 106 -41.47 -18.34 10.37
CA MET A 106 -40.43 -19.28 9.97
C MET A 106 -40.78 -20.75 10.33
N THR A 107 -40.07 -21.70 9.73
CA THR A 107 -40.16 -23.12 10.12
C THR A 107 -38.91 -23.58 10.91
N ASP A 108 -38.05 -22.64 11.31
CA ASP A 108 -36.90 -22.86 12.23
C ASP A 108 -36.72 -21.62 13.13
N ASP A 109 -36.18 -21.82 14.33
CA ASP A 109 -35.72 -20.66 15.13
C ASP A 109 -34.54 -19.93 14.45
N VAL A 110 -34.51 -18.62 14.66
CA VAL A 110 -33.46 -17.73 14.18
C VAL A 110 -32.46 -17.44 15.30
N THR A 111 -31.24 -17.90 15.12
CA THR A 111 -30.17 -17.79 16.11
C THR A 111 -29.40 -16.44 16.03
N PHE A 112 -29.42 -15.81 14.86
CA PHE A 112 -28.78 -14.53 14.64
C PHE A 112 -29.48 -13.84 13.46
N TRP A 113 -29.68 -12.54 13.59
CA TRP A 113 -30.21 -11.74 12.47
C TRP A 113 -29.68 -10.31 12.54
N LYS A 114 -29.71 -9.64 11.39
CA LYS A 114 -29.30 -8.23 11.27
C LYS A 114 -29.75 -7.59 9.96
N TRP A 115 -29.71 -6.27 9.92
CA TRP A 115 -29.93 -5.52 8.69
C TRP A 115 -28.61 -5.49 7.92
N ILE A 116 -28.62 -6.00 6.70
CA ILE A 116 -27.41 -5.97 5.82
C ILE A 116 -27.44 -4.80 4.82
N SER A 117 -28.57 -4.10 4.73
CA SER A 117 -28.69 -2.89 3.91
C SER A 117 -29.81 -2.01 4.45
N LEU A 118 -30.13 -0.93 3.75
CA LEU A 118 -31.25 -0.09 4.15
C LEU A 118 -32.62 -0.80 4.05
N ASN A 119 -32.72 -1.90 3.29
CA ASN A 119 -34.00 -2.57 3.11
C ASN A 119 -34.06 -4.08 3.20
N THR A 120 -32.97 -4.73 3.62
CA THR A 120 -32.92 -6.21 3.64
C THR A 120 -32.38 -6.73 4.96
N VAL A 121 -33.12 -7.67 5.56
CA VAL A 121 -32.73 -8.38 6.77
C VAL A 121 -32.11 -9.74 6.41
N ALA A 122 -30.98 -10.07 7.03
CA ALA A 122 -30.42 -11.42 6.96
C ALA A 122 -30.83 -12.24 8.18
N LEU A 123 -31.19 -13.50 7.95
CA LEU A 123 -31.70 -14.43 8.99
C LEU A 123 -30.86 -15.70 8.95
N VAL A 124 -30.25 -16.03 10.09
CA VAL A 124 -29.44 -17.23 10.25
C VAL A 124 -30.16 -18.25 11.17
N THR A 125 -30.38 -19.45 10.67
CA THR A 125 -30.92 -20.57 11.45
C THR A 125 -29.78 -21.55 11.77
N ASP A 126 -30.08 -22.62 12.51
CA ASP A 126 -29.07 -23.68 12.72
C ASP A 126 -28.54 -24.27 11.39
N ASN A 127 -29.36 -24.27 10.33
CA ASN A 127 -29.04 -24.95 9.05
C ASN A 127 -28.72 -24.06 7.84
N ALA A 128 -29.13 -22.80 7.83
CA ALA A 128 -29.01 -21.99 6.58
C ALA A 128 -29.04 -20.50 6.80
N VAL A 129 -28.78 -19.75 5.74
CA VAL A 129 -28.85 -18.30 5.74
C VAL A 129 -29.86 -17.83 4.69
N TYR A 130 -30.74 -16.91 5.10
CA TYR A 130 -31.78 -16.33 4.24
C TYR A 130 -31.62 -14.82 4.14
N HIS A 131 -32.07 -14.24 3.03
CA HIS A 131 -32.29 -12.78 2.91
C HIS A 131 -33.80 -12.45 2.80
N TRP A 132 -34.23 -11.38 3.45
CA TRP A 132 -35.63 -10.94 3.42
C TRP A 132 -35.71 -9.44 3.08
N SER A 133 -36.13 -9.14 1.85
CA SER A 133 -36.32 -7.77 1.41
C SER A 133 -37.63 -7.20 1.93
N MET A 134 -37.60 -5.93 2.34
CA MET A 134 -38.81 -5.22 2.75
C MET A 134 -39.64 -4.67 1.57
N GLU A 135 -39.15 -4.80 0.33
CA GLU A 135 -39.85 -4.22 -0.82
C GLU A 135 -41.02 -5.09 -1.24
N GLY A 136 -42.15 -4.47 -1.58
CA GLY A 136 -43.33 -5.15 -2.10
C GLY A 136 -43.88 -6.23 -1.19
N GLU A 137 -44.19 -7.40 -1.75
CA GLU A 137 -44.67 -8.56 -0.97
C GLU A 137 -43.61 -9.66 -0.87
N SER A 138 -42.36 -9.31 -0.63
CA SER A 138 -41.27 -10.29 -0.60
C SER A 138 -41.34 -11.19 0.64
N GLN A 139 -40.98 -12.48 0.47
CA GLN A 139 -40.79 -13.43 1.60
C GLN A 139 -39.30 -13.81 1.66
N PRO A 140 -38.85 -14.42 2.78
CA PRO A 140 -37.43 -14.83 2.81
C PRO A 140 -37.01 -15.79 1.69
N VAL A 141 -35.79 -15.59 1.20
CA VAL A 141 -35.15 -16.43 0.17
C VAL A 141 -33.90 -17.05 0.77
N LYS A 142 -33.73 -18.36 0.59
CA LYS A 142 -32.52 -19.04 1.03
C LYS A 142 -31.32 -18.67 0.16
N MET A 143 -30.23 -18.25 0.80
CA MET A 143 -29.00 -17.90 0.07
C MET A 143 -28.05 -19.09 -0.02
N PHE A 144 -27.84 -19.79 1.09
CA PHE A 144 -27.00 -21.00 1.11
C PHE A 144 -27.24 -21.85 2.38
N ASP A 145 -26.84 -23.13 2.31
CA ASP A 145 -26.82 -23.98 3.50
C ASP A 145 -25.52 -23.79 4.26
N ARG A 146 -25.59 -23.80 5.60
CA ARG A 146 -24.39 -23.74 6.45
C ARG A 146 -23.46 -24.94 6.27
N HIS A 147 -22.17 -24.65 6.33
CA HIS A 147 -21.11 -25.63 6.24
C HIS A 147 -20.94 -26.28 7.64
N SER A 148 -20.58 -27.55 7.66
CA SER A 148 -20.42 -28.33 8.91
C SER A 148 -19.32 -27.82 9.85
N SER A 149 -18.31 -27.12 9.31
CA SER A 149 -17.27 -26.45 10.12
C SER A 149 -17.81 -25.40 11.10
N LEU A 150 -19.02 -24.86 10.88
CA LEU A 150 -19.64 -23.93 11.84
C LEU A 150 -20.63 -24.59 12.82
N ALA A 151 -20.77 -25.92 12.75
CA ALA A 151 -21.71 -26.65 13.63
C ALA A 151 -21.29 -26.46 15.09
N GLY A 152 -22.24 -26.07 15.93
CA GLY A 152 -21.97 -25.83 17.35
C GLY A 152 -21.31 -24.49 17.71
N CYS A 153 -21.09 -23.60 16.74
CA CYS A 153 -20.51 -22.30 17.02
C CYS A 153 -21.56 -21.29 17.47
N GLN A 154 -21.13 -20.33 18.30
CA GLN A 154 -21.92 -19.10 18.51
C GLN A 154 -21.75 -18.19 17.28
N ILE A 155 -22.84 -17.89 16.58
CA ILE A 155 -22.80 -17.02 15.41
C ILE A 155 -22.67 -15.59 15.91
N ILE A 156 -21.59 -14.91 15.49
CA ILE A 156 -21.35 -13.52 15.93
C ILE A 156 -21.47 -12.45 14.84
N ASN A 157 -21.45 -12.84 13.56
CA ASN A 157 -21.60 -11.86 12.50
C ASN A 157 -21.95 -12.47 11.14
N TYR A 158 -22.49 -11.60 10.27
CA TYR A 158 -22.77 -11.92 8.88
C TYR A 158 -22.57 -10.64 8.08
N ARG A 159 -21.78 -10.70 6.99
CA ARG A 159 -21.52 -9.53 6.16
C ARG A 159 -21.56 -9.87 4.68
N THR A 160 -21.78 -8.85 3.86
CA THR A 160 -21.71 -9.00 2.41
C THR A 160 -20.94 -7.88 1.74
N ASP A 161 -20.60 -8.08 0.47
CA ASP A 161 -20.08 -6.99 -0.35
C ASP A 161 -21.22 -6.08 -0.81
N ALA A 162 -20.86 -4.98 -1.46
CA ALA A 162 -21.82 -3.97 -1.89
C ALA A 162 -22.90 -4.53 -2.79
N LYS A 163 -22.54 -5.40 -3.71
CA LYS A 163 -23.49 -5.99 -4.65
C LYS A 163 -24.20 -7.27 -4.18
N GLN A 164 -23.97 -7.69 -2.93
CA GLN A 164 -24.57 -8.91 -2.37
C GLN A 164 -24.31 -10.18 -3.21
N LYS A 165 -23.11 -10.28 -3.78
CA LYS A 165 -22.63 -11.46 -4.52
C LYS A 165 -21.63 -12.31 -3.74
N TRP A 166 -21.05 -11.75 -2.69
CA TRP A 166 -20.09 -12.43 -1.81
C TRP A 166 -20.60 -12.27 -0.38
N LEU A 167 -20.79 -13.41 0.28
CA LEU A 167 -21.50 -13.51 1.56
C LEU A 167 -20.59 -14.20 2.56
N LEU A 168 -20.54 -13.72 3.82
CA LEU A 168 -19.64 -14.26 4.84
C LEU A 168 -20.32 -14.45 6.22
N LEU A 169 -20.40 -15.69 6.70
CA LEU A 169 -20.91 -16.02 8.05
C LEU A 169 -19.76 -16.36 8.98
N THR A 170 -19.80 -15.85 10.23
CA THR A 170 -18.73 -16.04 11.22
C THR A 170 -19.27 -16.58 12.53
N GLY A 171 -18.70 -17.70 13.00
CA GLY A 171 -18.97 -18.23 14.34
C GLY A 171 -17.71 -18.44 15.16
N ILE A 172 -17.88 -18.63 16.48
CA ILE A 172 -16.75 -18.96 17.36
C ILE A 172 -17.09 -20.06 18.35
N SER A 173 -16.05 -20.75 18.81
CA SER A 173 -16.14 -21.78 19.84
C SER A 173 -14.78 -22.00 20.52
N ALA A 174 -14.79 -22.75 21.62
CA ALA A 174 -13.55 -23.12 22.33
C ALA A 174 -13.01 -24.44 21.78
N GLN A 175 -11.77 -24.43 21.29
N GLN A 175 -11.77 -24.45 21.29
CA GLN A 175 -11.04 -25.66 20.92
CA GLN A 175 -11.07 -25.68 20.92
C GLN A 175 -9.64 -25.57 21.49
C GLN A 175 -9.65 -25.59 21.47
N GLN A 176 -9.23 -26.59 22.24
CA GLN A 176 -7.90 -26.65 22.88
C GLN A 176 -7.59 -25.43 23.76
N ASN A 177 -8.56 -25.06 24.59
CA ASN A 177 -8.46 -23.88 25.45
C ASN A 177 -8.15 -22.55 24.77
N ARG A 178 -8.62 -22.33 23.54
CA ARG A 178 -8.56 -21.02 22.90
C ARG A 178 -9.84 -20.76 22.09
N VAL A 179 -10.09 -19.48 21.80
CA VAL A 179 -11.24 -19.09 21.01
C VAL A 179 -10.91 -19.24 19.51
N VAL A 180 -11.55 -20.19 18.85
CA VAL A 180 -11.31 -20.49 17.44
C VAL A 180 -12.45 -19.92 16.56
N GLY A 181 -12.06 -19.19 15.51
CA GLY A 181 -13.01 -18.57 14.59
C GLY A 181 -13.23 -19.44 13.35
N ALA A 182 -14.50 -19.67 13.00
CA ALA A 182 -14.87 -20.38 11.76
C ALA A 182 -15.75 -19.52 10.86
N MET A 183 -15.28 -19.29 9.63
CA MET A 183 -16.01 -18.52 8.62
C MET A 183 -16.42 -19.39 7.44
N GLN A 184 -17.51 -19.00 6.80
CA GLN A 184 -17.96 -19.60 5.55
C GLN A 184 -18.13 -18.47 4.54
N LEU A 185 -17.31 -18.50 3.48
CA LEU A 185 -17.46 -17.58 2.36
C LEU A 185 -18.29 -18.24 1.26
N TYR A 186 -19.37 -17.59 0.82
CA TYR A 186 -20.23 -18.09 -0.27
C TYR A 186 -20.24 -17.15 -1.48
N SER A 187 -20.06 -17.74 -2.66
CA SER A 187 -20.21 -17.04 -3.94
C SER A 187 -21.61 -17.26 -4.52
N VAL A 188 -22.40 -16.21 -4.63
CA VAL A 188 -23.76 -16.33 -5.20
C VAL A 188 -23.73 -16.79 -6.68
N ASP A 189 -22.79 -16.29 -7.46
CA ASP A 189 -22.71 -16.65 -8.88
C ASP A 189 -22.19 -18.06 -9.14
N ARG A 190 -21.19 -18.50 -8.39
N ARG A 190 -21.17 -18.48 -8.40
CA ARG A 190 -20.60 -19.82 -8.59
CA ARG A 190 -20.58 -19.81 -8.57
C ARG A 190 -21.31 -20.94 -7.81
C ARG A 190 -21.31 -20.92 -7.81
N LYS A 191 -22.07 -20.56 -6.78
CA LYS A 191 -22.77 -21.52 -5.88
C LYS A 191 -21.83 -22.51 -5.19
N VAL A 192 -20.78 -21.98 -4.59
CA VAL A 192 -19.68 -22.72 -3.97
C VAL A 192 -19.38 -22.01 -2.63
N SER A 193 -19.14 -22.78 -1.54
CA SER A 193 -18.66 -22.23 -0.26
C SER A 193 -17.21 -22.62 -0.04
N GLN A 194 -16.47 -21.78 0.69
CA GLN A 194 -15.11 -22.08 1.15
C GLN A 194 -15.02 -21.86 2.68
N PRO A 195 -14.64 -22.90 3.44
CA PRO A 195 -14.40 -22.68 4.89
C PRO A 195 -13.06 -22.01 5.13
N ILE A 196 -13.03 -21.00 6.01
CA ILE A 196 -11.80 -20.24 6.31
C ILE A 196 -11.70 -20.02 7.83
N GLU A 197 -10.52 -20.24 8.42
CA GLU A 197 -10.29 -19.91 9.84
C GLU A 197 -10.09 -18.39 9.94
N GLY A 198 -11.00 -17.71 10.64
CA GLY A 198 -10.96 -16.26 10.86
C GLY A 198 -11.92 -15.78 11.94
N HIS A 199 -11.64 -14.62 12.53
CA HIS A 199 -12.42 -14.05 13.68
C HIS A 199 -13.29 -12.83 13.32
N ALA A 200 -12.73 -11.93 12.52
CA ALA A 200 -13.41 -10.70 12.11
C ALA A 200 -13.02 -10.30 10.69
N ALA A 201 -13.95 -9.64 9.98
CA ALA A 201 -13.80 -9.35 8.56
C ALA A 201 -14.69 -8.23 8.06
N SER A 202 -14.38 -7.77 6.84
CA SER A 202 -15.21 -6.84 6.10
C SER A 202 -14.85 -6.86 4.61
N PHE A 203 -15.83 -6.50 3.76
CA PHE A 203 -15.57 -6.22 2.36
C PHE A 203 -15.32 -4.72 2.18
N ALA A 204 -14.76 -4.34 1.05
CA ALA A 204 -14.53 -2.93 0.69
C ALA A 204 -14.48 -2.78 -0.82
N GLN A 205 -14.92 -1.62 -1.32
CA GLN A 205 -14.65 -1.18 -2.69
C GLN A 205 -13.41 -0.28 -2.70
N PHE A 206 -12.49 -0.49 -3.65
CA PHE A 206 -11.22 0.22 -3.68
C PHE A 206 -10.78 0.39 -5.14
N LYS A 207 -10.55 1.64 -5.56
CA LYS A 207 -10.15 1.91 -6.93
C LYS A 207 -8.65 2.10 -7.00
N MET A 208 -7.97 1.12 -7.61
CA MET A 208 -6.51 1.08 -7.70
C MET A 208 -5.99 2.12 -8.69
N GLU A 209 -4.80 2.64 -8.39
CA GLU A 209 -4.06 3.50 -9.32
C GLU A 209 -4.03 2.85 -10.71
N GLY A 210 -4.44 3.59 -11.74
CA GLY A 210 -4.45 3.09 -13.11
C GLY A 210 -5.66 2.32 -13.59
N ASN A 211 -6.59 1.97 -12.69
CA ASN A 211 -7.79 1.20 -13.05
C ASN A 211 -9.03 2.07 -13.24
N ALA A 212 -9.81 1.74 -14.26
CA ALA A 212 -11.07 2.43 -14.57
C ALA A 212 -12.22 2.01 -13.68
N GLU A 213 -12.22 0.76 -13.21
CA GLU A 213 -13.28 0.26 -12.31
C GLU A 213 -12.76 -0.07 -10.91
N GLU A 214 -13.67 0.00 -9.94
CA GLU A 214 -13.41 -0.42 -8.56
C GLU A 214 -13.17 -1.93 -8.44
N SER A 215 -12.25 -2.30 -7.55
CA SER A 215 -12.03 -3.69 -7.15
C SER A 215 -12.88 -4.03 -5.90
N THR A 216 -13.39 -5.26 -5.80
CA THR A 216 -14.04 -5.72 -4.55
C THR A 216 -13.03 -6.51 -3.71
N LEU A 217 -12.71 -6.00 -2.54
CA LEU A 217 -11.71 -6.62 -1.66
C LEU A 217 -12.38 -7.26 -0.44
N PHE A 218 -11.76 -8.34 0.04
CA PHE A 218 -12.15 -9.08 1.24
C PHE A 218 -10.96 -9.00 2.20
N CYS A 219 -11.19 -8.45 3.40
N CYS A 219 -11.22 -8.50 3.40
CA CYS A 219 -10.18 -8.32 4.43
CA CYS A 219 -10.23 -8.35 4.44
C CYS A 219 -10.62 -9.08 5.69
C CYS A 219 -10.67 -9.16 5.65
N PHE A 220 -9.78 -9.99 6.18
CA PHE A 220 -10.07 -10.77 7.38
C PHE A 220 -8.86 -10.92 8.31
N ALA A 221 -9.12 -10.83 9.62
CA ALA A 221 -8.12 -11.01 10.66
C ALA A 221 -8.42 -12.31 11.41
N VAL A 222 -7.34 -12.93 11.90
CA VAL A 222 -7.38 -14.18 12.59
C VAL A 222 -6.23 -14.27 13.61
N ARG A 223 -6.51 -14.87 14.77
CA ARG A 223 -5.51 -15.39 15.68
C ARG A 223 -5.55 -16.93 15.55
N GLY A 224 -4.55 -17.47 14.86
CA GLY A 224 -4.38 -18.90 14.72
C GLY A 224 -3.42 -19.41 15.76
N GLN A 225 -3.15 -20.72 15.71
CA GLN A 225 -2.17 -21.36 16.59
C GLN A 225 -0.87 -20.55 16.63
N ALA A 226 -0.38 -20.25 15.42
CA ALA A 226 0.85 -19.49 15.20
C ALA A 226 0.56 -17.98 14.96
N GLY A 227 -0.11 -17.35 15.93
CA GLY A 227 -0.18 -15.90 16.00
C GLY A 227 -1.18 -15.24 15.09
N GLY A 228 -1.23 -13.91 15.16
CA GLY A 228 -2.23 -13.12 14.43
C GLY A 228 -1.86 -12.77 13.01
N LYS A 229 -2.84 -12.78 12.10
CA LYS A 229 -2.66 -12.41 10.69
CA LYS A 229 -2.64 -12.38 10.71
C LYS A 229 -3.85 -11.59 10.15
N LEU A 230 -3.56 -10.61 9.29
CA LEU A 230 -4.55 -9.85 8.54
C LEU A 230 -4.27 -10.04 7.02
N HIS A 231 -5.33 -10.32 6.25
CA HIS A 231 -5.27 -10.65 4.84
C HIS A 231 -6.12 -9.67 4.05
N ILE A 232 -5.61 -9.25 2.88
CA ILE A 232 -6.37 -8.37 1.99
C ILE A 232 -6.24 -8.97 0.61
N ILE A 233 -7.36 -9.37 0.02
CA ILE A 233 -7.38 -10.13 -1.21
C ILE A 233 -8.61 -9.77 -2.06
N GLU A 234 -8.43 -9.69 -3.37
CA GLU A 234 -9.53 -9.42 -4.28
C GLU A 234 -10.41 -10.69 -4.41
N VAL A 235 -11.73 -10.52 -4.41
CA VAL A 235 -12.67 -11.65 -4.60
C VAL A 235 -13.25 -11.56 -5.99
N GLY A 236 -13.28 -12.69 -6.70
CA GLY A 236 -13.89 -12.74 -8.03
C GLY A 236 -12.89 -12.35 -9.11
N THR A 237 -13.38 -12.35 -10.35
CA THR A 237 -12.56 -12.02 -11.51
C THR A 237 -12.50 -10.49 -11.58
N PRO A 238 -11.30 -9.92 -11.78
CA PRO A 238 -11.27 -8.45 -11.90
C PRO A 238 -12.10 -7.96 -13.10
N PRO A 239 -12.76 -6.78 -12.97
CA PRO A 239 -13.43 -6.20 -14.16
C PRO A 239 -12.54 -6.14 -15.41
N THR A 240 -13.13 -6.34 -16.58
CA THR A 240 -12.39 -6.28 -17.87
C THR A 240 -11.54 -4.99 -17.95
N GLY A 241 -10.26 -5.13 -18.31
CA GLY A 241 -9.32 -4.00 -18.34
C GLY A 241 -8.54 -3.71 -17.04
N ASN A 242 -9.02 -4.19 -15.89
CA ASN A 242 -8.37 -3.94 -14.59
C ASN A 242 -7.10 -4.76 -14.36
N GLN A 243 -6.11 -4.09 -13.78
CA GLN A 243 -5.00 -4.78 -13.13
C GLN A 243 -5.59 -5.51 -11.89
N PRO A 244 -5.19 -6.77 -11.65
CA PRO A 244 -5.59 -7.43 -10.38
C PRO A 244 -4.93 -6.78 -9.14
N PHE A 245 -5.66 -6.72 -8.04
CA PHE A 245 -5.10 -6.23 -6.78
C PHE A 245 -4.06 -7.22 -6.27
N PRO A 246 -2.83 -6.77 -5.94
CA PRO A 246 -1.86 -7.69 -5.34
C PRO A 246 -2.22 -8.06 -3.90
N LYS A 247 -2.42 -9.33 -3.62
CA LYS A 247 -2.87 -9.73 -2.26
C LYS A 247 -1.78 -9.53 -1.22
N LYS A 248 -2.18 -9.20 0.00
CA LYS A 248 -1.27 -8.96 1.13
C LYS A 248 -1.70 -9.84 2.32
N ALA A 249 -0.71 -10.25 3.11
CA ALA A 249 -0.89 -10.87 4.41
C ALA A 249 0.14 -10.30 5.36
N VAL A 250 -0.29 -9.75 6.50
CA VAL A 250 0.61 -9.03 7.44
C VAL A 250 0.36 -9.51 8.88
N ASP A 251 1.32 -9.32 9.78
CA ASP A 251 1.14 -9.73 11.20
C ASP A 251 0.12 -8.86 11.95
N VAL A 252 -0.59 -9.47 12.90
CA VAL A 252 -1.42 -8.76 13.90
C VAL A 252 -0.83 -9.07 15.27
N PHE A 253 -0.39 -8.04 15.99
CA PHE A 253 0.34 -8.20 17.25
C PHE A 253 -0.60 -8.44 18.42
N PHE A 254 -0.34 -9.49 19.18
CA PHE A 254 -0.94 -9.69 20.50
C PHE A 254 0.19 -9.76 21.54
N PRO A 255 0.17 -8.87 22.56
CA PRO A 255 1.22 -8.95 23.57
C PRO A 255 1.21 -10.26 24.36
N PRO A 256 2.37 -10.68 24.90
CA PRO A 256 2.46 -11.93 25.67
C PRO A 256 1.46 -12.05 26.85
N GLU A 257 1.01 -10.90 27.38
CA GLU A 257 0.11 -10.83 28.55
C GLU A 257 -1.37 -10.98 28.18
N ALA A 258 -1.69 -10.98 26.88
CA ALA A 258 -3.05 -11.14 26.39
C ALA A 258 -3.20 -12.47 25.67
N GLN A 259 -3.06 -13.57 26.40
CA GLN A 259 -3.09 -14.90 25.80
C GLN A 259 -4.44 -15.32 25.21
N ASN A 260 -5.54 -14.82 25.76
CA ASN A 260 -6.88 -15.23 25.34
C ASN A 260 -7.59 -14.22 24.45
N ASP A 261 -6.96 -13.07 24.14
CA ASP A 261 -7.63 -12.02 23.37
C ASP A 261 -7.71 -12.42 21.90
N PHE A 262 -8.72 -11.92 21.19
CA PHE A 262 -8.92 -12.20 19.76
C PHE A 262 -9.63 -11.03 19.07
N PRO A 263 -9.52 -10.92 17.73
CA PRO A 263 -10.23 -9.87 17.02
C PRO A 263 -11.74 -10.06 17.14
N VAL A 264 -12.50 -8.98 17.42
CA VAL A 264 -13.99 -9.05 17.42
C VAL A 264 -14.69 -8.17 16.41
N ALA A 265 -14.04 -7.16 15.85
CA ALA A 265 -14.73 -6.25 14.96
C ALA A 265 -13.77 -5.58 13.97
N MET A 266 -14.30 -5.26 12.80
CA MET A 266 -13.56 -4.59 11.72
C MET A 266 -14.49 -3.63 10.98
N GLN A 267 -14.06 -2.38 10.82
CA GLN A 267 -14.70 -1.44 9.90
C GLN A 267 -13.63 -0.80 9.00
N ILE A 268 -13.97 -0.65 7.73
CA ILE A 268 -13.05 -0.08 6.76
C ILE A 268 -13.55 1.31 6.32
N SER A 269 -12.71 2.33 6.44
CA SER A 269 -13.04 3.67 5.96
C SER A 269 -12.68 3.80 4.50
N GLU A 270 -13.67 3.97 3.63
CA GLU A 270 -13.42 4.19 2.18
C GLU A 270 -13.09 5.67 1.86
N LYS A 271 -13.33 6.58 2.83
CA LYS A 271 -12.82 7.93 2.76
C LYS A 271 -11.27 7.99 2.80
N HIS A 272 -10.67 7.30 3.78
CA HIS A 272 -9.23 7.31 4.01
C HIS A 272 -8.50 6.07 3.50
N ASP A 273 -9.28 5.04 3.15
CA ASP A 273 -8.76 3.70 2.81
C ASP A 273 -7.88 3.13 3.92
N VAL A 274 -8.44 3.08 5.13
CA VAL A 274 -7.80 2.47 6.31
C VAL A 274 -8.74 1.42 6.94
N VAL A 275 -8.14 0.43 7.61
CA VAL A 275 -8.86 -0.61 8.33
C VAL A 275 -8.74 -0.40 9.84
N PHE A 276 -9.89 -0.33 10.53
CA PHE A 276 -9.94 -0.28 11.99
C PHE A 276 -10.26 -1.69 12.48
N LEU A 277 -9.39 -2.23 13.33
CA LEU A 277 -9.58 -3.55 13.94
C LEU A 277 -9.65 -3.44 15.47
N ILE A 278 -10.74 -3.93 16.09
CA ILE A 278 -10.88 -3.94 17.55
C ILE A 278 -10.89 -5.38 18.09
N THR A 279 -10.17 -5.61 19.18
CA THR A 279 -10.12 -6.92 19.83
C THR A 279 -11.15 -7.00 20.98
N LYS A 280 -11.45 -8.22 21.39
CA LYS A 280 -12.40 -8.48 22.49
C LYS A 280 -12.08 -7.63 23.73
N TYR A 281 -10.81 -7.60 24.12
CA TYR A 281 -10.37 -6.89 25.34
C TYR A 281 -9.92 -5.42 25.13
N GLY A 282 -10.35 -4.82 24.03
CA GLY A 282 -10.31 -3.37 23.88
C GLY A 282 -9.09 -2.74 23.26
N TYR A 283 -8.33 -3.50 22.48
CA TYR A 283 -7.17 -2.96 21.72
C TYR A 283 -7.64 -2.55 20.29
N ILE A 284 -7.23 -1.35 19.87
CA ILE A 284 -7.49 -0.83 18.50
C ILE A 284 -6.19 -0.98 17.67
N HIS A 285 -6.34 -1.42 16.42
CA HIS A 285 -5.25 -1.45 15.41
C HIS A 285 -5.74 -0.68 14.17
N LEU A 286 -4.83 0.06 13.53
CA LEU A 286 -5.12 0.80 12.32
C LEU A 286 -4.13 0.35 11.25
N TYR A 287 -4.65 -0.08 10.09
CA TYR A 287 -3.83 -0.53 8.94
C TYR A 287 -4.18 0.25 7.67
N ASP A 288 -3.19 0.43 6.79
CA ASP A 288 -3.46 0.96 5.43
C ASP A 288 -4.09 -0.14 4.56
N LEU A 289 -5.22 0.14 3.90
CA LEU A 289 -5.91 -0.86 3.08
C LEU A 289 -5.14 -1.25 1.80
N GLU A 290 -4.38 -0.28 1.25
CA GLU A 290 -3.63 -0.50 0.01
C GLU A 290 -2.46 -1.46 0.22
N THR A 291 -1.61 -1.17 1.21
CA THR A 291 -0.37 -1.92 1.46
C THR A 291 -0.45 -2.93 2.59
N GLY A 292 -1.44 -2.79 3.48
CA GLY A 292 -1.48 -3.56 4.72
C GLY A 292 -0.54 -3.13 5.85
N THR A 293 0.14 -2.00 5.70
CA THR A 293 1.11 -1.53 6.70
C THR A 293 0.35 -1.15 7.98
N CYS A 294 0.83 -1.63 9.13
CA CYS A 294 0.25 -1.26 10.43
C CYS A 294 0.68 0.15 10.82
N ILE A 295 -0.28 1.04 11.01
CA ILE A 295 -0.01 2.45 11.34
C ILE A 295 0.07 2.69 12.86
N TYR A 296 -0.77 2.02 13.64
CA TYR A 296 -0.93 2.34 15.06
C TYR A 296 -1.63 1.22 15.82
N MET A 297 -1.25 1.05 17.08
N MET A 297 -1.27 1.05 17.09
CA MET A 297 -1.89 0.11 18.01
CA MET A 297 -1.96 0.12 17.98
C MET A 297 -1.92 0.70 19.41
C MET A 297 -1.91 0.65 19.41
N ASN A 298 -3.04 0.53 20.13
CA ASN A 298 -3.10 0.85 21.56
C ASN A 298 -4.34 0.26 22.23
N ARG A 299 -4.29 0.07 23.56
CA ARG A 299 -5.50 -0.31 24.33
C ARG A 299 -6.33 0.92 24.62
N ILE A 300 -7.60 0.93 24.19
CA ILE A 300 -8.52 2.06 24.38
C ILE A 300 -9.74 1.81 25.30
N SER A 301 -9.91 0.57 25.77
CA SER A 301 -10.99 0.21 26.71
C SER A 301 -10.49 -0.88 27.66
N GLY A 302 -10.80 -0.75 28.95
CA GLY A 302 -10.55 -1.79 29.93
C GLY A 302 -11.67 -2.83 29.97
N GLU A 303 -12.86 -2.42 29.54
CA GLU A 303 -14.00 -3.29 29.43
C GLU A 303 -14.09 -3.88 28.02
N THR A 304 -14.63 -5.09 27.91
CA THR A 304 -14.74 -5.77 26.62
C THR A 304 -15.73 -5.08 25.69
N ILE A 305 -15.46 -5.17 24.39
CA ILE A 305 -16.30 -4.60 23.33
C ILE A 305 -17.08 -5.73 22.67
N PHE A 306 -18.40 -5.59 22.54
CA PHE A 306 -19.23 -6.65 21.97
C PHE A 306 -20.04 -6.27 20.73
N VAL A 307 -20.07 -4.99 20.37
CA VAL A 307 -20.80 -4.54 19.17
C VAL A 307 -20.19 -3.25 18.61
N THR A 308 -20.19 -3.13 17.27
CA THR A 308 -19.66 -1.93 16.59
C THR A 308 -20.49 -1.61 15.35
N ALA A 309 -20.32 -0.40 14.82
CA ALA A 309 -20.86 0.01 13.51
C ALA A 309 -19.98 1.08 12.87
N PRO A 310 -20.17 1.35 11.55
CA PRO A 310 -19.47 2.50 10.99
C PRO A 310 -19.96 3.80 11.63
N HIS A 311 -19.05 4.72 11.92
CA HIS A 311 -19.39 6.05 12.39
C HIS A 311 -19.38 7.00 11.19
N GLU A 312 -20.58 7.35 10.71
CA GLU A 312 -20.77 8.06 9.44
C GLU A 312 -20.16 9.45 9.42
N ALA A 313 -20.35 10.22 10.48
CA ALA A 313 -19.85 11.61 10.53
C ALA A 313 -18.33 11.73 10.33
N THR A 314 -17.55 10.81 10.93
CA THR A 314 -16.09 10.86 10.88
C THR A 314 -15.46 9.82 9.95
N ALA A 315 -16.29 8.97 9.34
CA ALA A 315 -15.84 7.77 8.62
C ALA A 315 -14.96 6.82 9.47
N GLY A 316 -15.32 6.64 10.74
CA GLY A 316 -14.56 5.81 11.66
C GLY A 316 -15.37 4.62 12.14
N ILE A 317 -15.20 4.27 13.41
CA ILE A 317 -15.84 3.11 14.01
C ILE A 317 -16.42 3.54 15.35
N ILE A 318 -17.63 3.11 15.64
CA ILE A 318 -18.31 3.40 16.91
C ILE A 318 -18.61 2.05 17.56
N GLY A 319 -18.58 2.01 18.89
CA GLY A 319 -18.73 0.77 19.63
C GLY A 319 -19.29 0.95 21.04
N VAL A 320 -19.73 -0.16 21.61
CA VAL A 320 -20.27 -0.19 22.98
C VAL A 320 -19.50 -1.24 23.79
N ASN A 321 -19.03 -0.84 24.97
CA ASN A 321 -18.36 -1.78 25.86
C ASN A 321 -19.31 -2.26 26.96
N ARG A 322 -18.82 -3.23 27.73
N ARG A 322 -18.86 -3.24 27.74
CA ARG A 322 -19.58 -3.94 28.78
CA ARG A 322 -19.72 -3.92 28.72
C ARG A 322 -20.17 -3.03 29.87
C ARG A 322 -20.17 -3.07 29.92
N LYS A 323 -19.46 -1.95 30.19
CA LYS A 323 -19.91 -0.98 31.18
C LYS A 323 -21.04 -0.07 30.67
N GLY A 324 -21.18 0.01 29.33
CA GLY A 324 -22.11 0.91 28.67
C GLY A 324 -21.50 2.19 28.12
N GLN A 325 -20.18 2.28 28.04
CA GLN A 325 -19.55 3.41 27.36
C GLN A 325 -19.78 3.26 25.85
N VAL A 326 -20.34 4.30 25.24
CA VAL A 326 -20.42 4.39 23.78
C VAL A 326 -19.25 5.26 23.30
N LEU A 327 -18.36 4.66 22.50
CA LEU A 327 -17.09 5.29 22.10
C LEU A 327 -16.82 5.18 20.61
N SER A 328 -16.12 6.17 20.07
CA SER A 328 -15.71 6.13 18.66
C SER A 328 -14.24 6.45 18.48
N VAL A 329 -13.69 5.93 17.38
CA VAL A 329 -12.32 6.20 16.97
C VAL A 329 -12.33 6.52 15.47
N CYS A 330 -11.57 7.54 15.08
CA CYS A 330 -11.46 7.96 13.68
C CYS A 330 -10.04 8.45 13.40
N VAL A 331 -9.73 8.62 12.11
CA VAL A 331 -8.47 9.25 11.70
C VAL A 331 -8.45 10.71 12.12
N GLU A 332 -7.37 11.13 12.77
CA GLU A 332 -7.11 12.54 13.07
C GLU A 332 -6.37 13.14 11.84
N GLU A 333 -7.13 13.85 11.00
CA GLU A 333 -6.62 14.30 9.67
C GLU A 333 -5.45 15.28 9.73
N GLU A 334 -5.32 16.03 10.82
CA GLU A 334 -4.19 16.96 10.95
C GLU A 334 -2.92 16.35 11.55
N ASN A 335 -2.98 15.12 12.04
CA ASN A 335 -1.81 14.45 12.65
C ASN A 335 -1.30 13.19 11.94
N ILE A 336 -2.13 12.51 11.16
CA ILE A 336 -1.77 11.19 10.63
C ILE A 336 -0.51 11.26 9.73
N ILE A 337 -0.41 12.25 8.85
CA ILE A 337 0.76 12.32 7.95
C ILE A 337 2.07 12.60 8.71
N PRO A 338 2.10 13.64 9.56
CA PRO A 338 3.33 13.83 10.35
C PRO A 338 3.67 12.67 11.31
N TYR A 339 2.66 11.97 11.83
CA TYR A 339 2.91 10.80 12.67
C TYR A 339 3.61 9.68 11.89
N ILE A 340 3.12 9.39 10.70
CA ILE A 340 3.72 8.35 9.87
C ILE A 340 5.17 8.74 9.45
N THR A 341 5.39 10.02 9.15
CA THR A 341 6.74 10.51 8.83
C THR A 341 7.69 10.46 10.04
N ASN A 342 7.25 11.01 11.16
CA ASN A 342 8.15 11.25 12.30
C ASN A 342 8.19 10.16 13.35
N VAL A 343 7.07 9.51 13.62
CA VAL A 343 7.03 8.46 14.63
C VAL A 343 7.30 7.11 13.99
N LEU A 344 6.57 6.76 12.93
CA LEU A 344 6.81 5.48 12.21
C LEU A 344 8.05 5.49 11.33
N GLN A 345 8.54 6.69 10.98
CA GLN A 345 9.68 6.85 10.08
C GLN A 345 9.51 6.10 8.78
N ASN A 346 8.33 6.25 8.19
CA ASN A 346 7.98 5.67 6.91
C ASN A 346 7.55 6.79 5.95
N PRO A 347 8.54 7.53 5.39
CA PRO A 347 8.17 8.59 4.42
C PRO A 347 7.42 8.14 3.17
N ASP A 348 7.66 6.91 2.69
N ASP A 348 7.67 6.91 2.70
CA ASP A 348 6.99 6.34 1.52
CA ASP A 348 7.01 6.40 1.51
C ASP A 348 5.47 6.25 1.73
C ASP A 348 5.48 6.24 1.71
N LEU A 349 5.07 5.66 2.85
CA LEU A 349 3.65 5.59 3.20
C LEU A 349 3.03 6.98 3.42
N ALA A 350 3.74 7.85 4.13
CA ALA A 350 3.26 9.20 4.41
C ALA A 350 2.95 9.99 3.14
N LEU A 351 3.85 9.91 2.17
CA LEU A 351 3.67 10.61 0.89
C LEU A 351 2.48 10.06 0.12
N ARG A 352 2.37 8.73 0.08
CA ARG A 352 1.27 8.06 -0.61
C ARG A 352 -0.09 8.45 -0.02
N MET A 353 -0.22 8.33 1.30
CA MET A 353 -1.47 8.64 1.96
C MET A 353 -1.83 10.12 1.87
N ALA A 354 -0.83 10.99 1.86
CA ALA A 354 -1.06 12.43 1.67
C ALA A 354 -1.70 12.76 0.32
N VAL A 355 -1.10 12.29 -0.77
CA VAL A 355 -1.62 12.59 -2.11
C VAL A 355 -2.89 11.80 -2.43
N ARG A 356 -2.97 10.56 -1.96
CA ARG A 356 -4.13 9.69 -2.21
C ARG A 356 -5.44 10.23 -1.62
N ASN A 357 -5.40 10.74 -0.38
CA ASN A 357 -6.61 11.24 0.30
C ASN A 357 -6.57 12.74 0.56
N ASN A 358 -5.72 13.44 -0.18
CA ASN A 358 -5.58 14.89 -0.13
C ASN A 358 -5.38 15.49 1.29
N LEU A 359 -4.58 14.80 2.10
CA LEU A 359 -4.24 15.23 3.47
C LEU A 359 -3.00 16.12 3.52
N ALA A 360 -2.91 16.93 4.58
CA ALA A 360 -1.79 17.86 4.80
C ALA A 360 -0.67 17.20 5.62
N GLY A 361 0.58 17.63 5.41
CA GLY A 361 1.71 17.27 6.28
C GLY A 361 2.95 16.58 5.69
N ALA A 362 2.90 16.24 4.39
CA ALA A 362 4.05 15.61 3.70
C ALA A 362 4.86 16.60 2.83
N GLU A 363 4.60 17.90 3.06
CA GLU A 363 5.35 19.02 2.47
C GLU A 363 6.83 18.95 2.87
N GLU A 364 7.07 18.49 4.11
CA GLU A 364 8.42 18.19 4.61
C GLU A 364 8.46 16.75 5.11
N LEU A 365 9.49 16.00 4.67
CA LEU A 365 9.60 14.55 4.91
C LEU A 365 10.92 14.17 5.61
N ILE B 6 4.13 -9.35 -32.06
CA ILE B 6 5.50 -9.13 -31.47
C ILE B 6 5.63 -7.76 -30.78
N LEU B 7 6.59 -7.69 -29.86
CA LEU B 7 6.86 -6.52 -29.05
C LEU B 7 8.28 -6.04 -29.29
N PRO B 8 8.53 -4.72 -29.10
CA PRO B 8 9.90 -4.21 -29.24
C PRO B 8 10.80 -4.46 -28.01
N ILE B 9 10.22 -4.94 -26.91
CA ILE B 9 10.98 -5.25 -25.68
C ILE B 9 10.81 -6.70 -25.26
N ARG B 10 11.71 -7.15 -24.40
CA ARG B 10 11.66 -8.47 -23.76
C ARG B 10 11.62 -8.31 -22.23
N PHE B 11 10.62 -8.94 -21.60
CA PHE B 11 10.45 -8.97 -20.13
C PHE B 11 10.98 -10.29 -19.60
N GLN B 12 11.71 -10.25 -18.49
CA GLN B 12 12.12 -11.46 -17.77
C GLN B 12 12.01 -11.31 -16.24
N GLU B 13 11.47 -12.33 -15.58
CA GLU B 13 11.51 -12.45 -14.12
C GLU B 13 12.77 -13.22 -13.74
N HIS B 14 13.59 -12.64 -12.87
CA HIS B 14 14.85 -13.27 -12.41
C HIS B 14 14.68 -14.03 -11.10
N LEU B 15 13.96 -13.43 -10.15
CA LEU B 15 13.76 -13.99 -8.80
C LEU B 15 12.46 -13.55 -8.16
N GLN B 16 12.02 -14.32 -7.17
CA GLN B 16 11.04 -13.90 -6.17
C GLN B 16 11.74 -13.94 -4.81
N LEU B 17 12.05 -12.78 -4.23
CA LEU B 17 12.82 -12.72 -2.98
C LEU B 17 12.16 -13.40 -1.77
N GLN B 18 10.83 -13.41 -1.74
CA GLN B 18 10.09 -14.11 -0.66
C GLN B 18 10.41 -15.62 -0.62
N ASN B 19 10.71 -16.21 -1.77
CA ASN B 19 11.18 -17.61 -1.86
C ASN B 19 12.55 -17.88 -1.28
N LEU B 20 13.34 -16.83 -1.04
CA LEU B 20 14.63 -16.99 -0.36
C LEU B 20 14.56 -16.65 1.13
N GLY B 21 13.36 -16.68 1.71
CA GLY B 21 13.18 -16.34 3.13
C GLY B 21 13.32 -14.88 3.52
N ILE B 22 13.09 -13.95 2.59
CA ILE B 22 13.06 -12.52 2.93
C ILE B 22 11.67 -12.13 3.44
N ASN B 23 11.60 -11.54 4.63
CA ASN B 23 10.36 -10.98 5.17
C ASN B 23 9.89 -9.83 4.29
N PRO B 24 8.61 -9.87 3.84
CA PRO B 24 8.02 -8.82 2.97
C PRO B 24 8.14 -7.38 3.53
N ALA B 25 8.12 -7.23 4.85
CA ALA B 25 8.28 -5.91 5.48
C ALA B 25 9.65 -5.26 5.24
N ASN B 26 10.66 -6.02 4.87
CA ASN B 26 11.99 -5.47 4.55
C ASN B 26 12.27 -5.26 3.06
N ILE B 27 11.24 -5.47 2.23
CA ILE B 27 11.34 -5.21 0.79
C ILE B 27 10.82 -3.79 0.54
N GLY B 28 11.73 -2.82 0.60
CA GLY B 28 11.39 -1.41 0.42
C GLY B 28 12.62 -0.50 0.45
N PHE B 29 12.38 0.78 0.20
CA PHE B 29 13.45 1.74 -0.12
C PHE B 29 14.51 1.86 0.98
N SER B 30 14.10 1.87 2.25
CA SER B 30 15.10 2.10 3.32
C SER B 30 15.93 0.86 3.71
N THR B 31 15.48 -0.35 3.32
CA THR B 31 16.12 -1.60 3.77
C THR B 31 16.70 -2.49 2.66
N LEU B 32 16.28 -2.29 1.41
CA LEU B 32 16.80 -3.10 0.30
C LEU B 32 17.55 -2.21 -0.66
N THR B 33 18.79 -2.59 -0.98
CA THR B 33 19.62 -1.83 -1.94
C THR B 33 20.10 -2.72 -3.11
N MET B 34 20.19 -2.11 -4.28
CA MET B 34 20.65 -2.80 -5.50
C MET B 34 21.45 -1.78 -6.33
N GLU B 35 22.75 -1.76 -6.10
CA GLU B 35 23.63 -0.72 -6.67
C GLU B 35 24.09 -1.09 -8.08
N SER B 36 23.93 -2.35 -8.42
CA SER B 36 24.18 -2.86 -9.74
C SER B 36 23.39 -4.15 -9.88
N ASP B 37 23.48 -4.78 -11.05
CA ASP B 37 22.84 -6.08 -11.25
C ASP B 37 23.56 -7.30 -10.66
N LYS B 38 24.67 -7.08 -9.94
CA LYS B 38 25.49 -8.17 -9.40
CA LYS B 38 25.49 -8.16 -9.39
C LYS B 38 25.03 -8.64 -8.00
N PHE B 39 24.51 -7.74 -7.18
CA PHE B 39 24.12 -8.07 -5.79
C PHE B 39 22.85 -7.39 -5.34
N ILE B 40 22.13 -8.02 -4.39
CA ILE B 40 21.08 -7.35 -3.66
C ILE B 40 21.34 -7.50 -2.16
N CYS B 41 21.29 -6.39 -1.41
N CYS B 41 21.16 -6.40 -1.42
CA CYS B 41 21.45 -6.43 0.05
CA CYS B 41 21.45 -6.33 0.01
C CYS B 41 20.19 -6.00 0.78
C CYS B 41 20.18 -5.97 0.79
N ILE B 42 19.80 -6.77 1.79
CA ILE B 42 18.58 -6.50 2.59
C ILE B 42 18.88 -6.51 4.07
N ARG B 43 18.52 -5.44 4.77
CA ARG B 43 18.65 -5.40 6.23
C ARG B 43 17.38 -5.96 6.89
N GLU B 44 17.60 -6.85 7.87
CA GLU B 44 16.52 -7.53 8.60
C GLU B 44 16.91 -7.60 10.09
N LYS B 45 15.92 -7.63 10.97
CA LYS B 45 16.16 -7.88 12.39
C LYS B 45 15.48 -9.18 12.80
N VAL B 46 16.28 -10.13 13.30
CA VAL B 46 15.80 -11.42 13.84
C VAL B 46 16.15 -11.46 15.32
N GLY B 47 15.12 -11.46 16.17
CA GLY B 47 15.27 -11.23 17.60
C GLY B 47 15.69 -9.79 17.85
N GLU B 48 16.69 -9.60 18.73
CA GLU B 48 17.33 -8.30 18.95
C GLU B 48 18.54 -8.07 18.02
N GLN B 49 18.93 -9.08 17.23
CA GLN B 49 20.10 -8.98 16.31
C GLN B 49 19.74 -8.45 14.91
N ALA B 50 20.30 -7.30 14.56
CA ALA B 50 20.26 -6.80 13.19
C ALA B 50 21.22 -7.60 12.32
N GLN B 51 20.81 -7.88 11.08
CA GLN B 51 21.69 -8.53 10.11
C GLN B 51 21.49 -8.02 8.68
N VAL B 52 22.46 -8.34 7.82
CA VAL B 52 22.37 -8.09 6.39
C VAL B 52 22.36 -9.42 5.63
N VAL B 53 21.44 -9.52 4.66
CA VAL B 53 21.36 -10.65 3.76
C VAL B 53 21.92 -10.21 2.41
N ILE B 54 22.94 -10.91 1.93
CA ILE B 54 23.63 -10.58 0.69
C ILE B 54 23.32 -11.65 -0.34
N ILE B 55 22.65 -11.26 -1.41
CA ILE B 55 22.26 -12.14 -2.48
C ILE B 55 23.15 -11.89 -3.70
N ASP B 56 23.95 -12.90 -4.05
CA ASP B 56 24.80 -12.87 -5.23
C ASP B 56 23.93 -13.31 -6.42
N MET B 57 23.72 -12.41 -7.38
CA MET B 57 22.84 -12.71 -8.51
C MET B 57 23.34 -13.80 -9.46
N ASN B 58 24.62 -14.15 -9.41
CA ASN B 58 25.11 -15.36 -10.11
C ASN B 58 24.96 -16.67 -9.35
N ASP B 59 24.54 -16.62 -8.08
CA ASP B 59 24.28 -17.83 -7.30
C ASP B 59 23.22 -17.52 -6.25
N PRO B 60 22.00 -17.19 -6.72
CA PRO B 60 21.02 -16.58 -5.81
C PRO B 60 20.45 -17.50 -4.72
N SER B 61 20.48 -18.82 -4.92
CA SER B 61 19.91 -19.76 -3.94
C SER B 61 20.75 -19.92 -2.67
N ASN B 62 21.98 -19.39 -2.66
CA ASN B 62 22.86 -19.46 -1.48
C ASN B 62 23.20 -18.07 -0.89
N PRO B 63 22.20 -17.40 -0.29
CA PRO B 63 22.47 -16.09 0.32
C PRO B 63 23.25 -16.22 1.61
N ILE B 64 23.98 -15.17 1.95
CA ILE B 64 24.78 -15.09 3.18
C ILE B 64 24.10 -14.11 4.14
N ARG B 65 23.90 -14.54 5.40
CA ARG B 65 23.45 -13.66 6.49
C ARG B 65 24.59 -13.39 7.48
N ARG B 66 24.82 -12.12 7.81
CA ARG B 66 25.93 -11.66 8.65
C ARG B 66 25.37 -10.64 9.67
N PRO B 67 25.77 -10.72 10.96
CA PRO B 67 25.40 -9.68 11.93
C PRO B 67 25.97 -8.27 11.62
N ILE B 68 25.15 -7.24 11.78
CA ILE B 68 25.55 -5.84 11.64
C ILE B 68 25.04 -4.92 12.76
N SER B 69 25.65 -3.75 12.87
N SER B 69 25.62 -3.74 12.86
CA SER B 69 25.19 -2.65 13.72
CA SER B 69 25.12 -2.67 13.72
C SER B 69 25.13 -1.39 12.88
C SER B 69 25.07 -1.38 12.93
N ALA B 70 24.46 -1.45 11.75
CA ALA B 70 24.46 -0.33 10.79
C ALA B 70 23.02 0.03 10.45
N ASP B 71 22.80 1.28 10.05
CA ASP B 71 21.49 1.76 9.60
C ASP B 71 21.31 1.73 8.09
N SER B 72 22.36 1.36 7.33
CA SER B 72 22.32 1.31 5.89
C SER B 72 23.51 0.50 5.36
N ALA B 73 23.31 -0.22 4.25
CA ALA B 73 24.34 -1.07 3.65
C ALA B 73 24.25 -1.01 2.13
N ILE B 74 25.36 -0.69 1.47
CA ILE B 74 25.43 -0.65 -0.01
C ILE B 74 26.66 -1.39 -0.53
N MET B 75 26.43 -2.39 -1.38
N MET B 75 26.44 -2.42 -1.35
CA MET B 75 27.46 -3.19 -1.99
CA MET B 75 27.52 -3.16 -1.95
C MET B 75 28.06 -2.42 -3.17
C MET B 75 28.06 -2.43 -3.16
N ASN B 76 29.37 -2.57 -3.37
CA ASN B 76 30.07 -2.03 -4.54
C ASN B 76 29.46 -2.62 -5.83
N PRO B 77 29.49 -1.88 -6.93
CA PRO B 77 28.86 -2.43 -8.15
C PRO B 77 29.49 -3.70 -8.77
N ALA B 78 30.79 -3.93 -8.56
CA ALA B 78 31.48 -5.06 -9.20
C ALA B 78 32.20 -6.07 -8.30
N SER B 79 32.37 -5.77 -7.02
CA SER B 79 33.22 -6.54 -6.12
C SER B 79 32.52 -6.73 -4.78
N LYS B 80 32.90 -7.77 -4.01
CA LYS B 80 32.32 -8.03 -2.67
C LYS B 80 32.95 -7.12 -1.62
N VAL B 81 32.69 -5.81 -1.79
CA VAL B 81 33.20 -4.75 -0.96
C VAL B 81 31.93 -4.02 -0.56
N ILE B 82 31.70 -3.88 0.75
CA ILE B 82 30.42 -3.35 1.28
C ILE B 82 30.66 -2.10 2.13
N ALA B 83 29.85 -1.05 1.92
CA ALA B 83 29.87 0.14 2.74
C ALA B 83 28.70 0.10 3.74
N LEU B 84 29.00 0.33 5.02
CA LEU B 84 28.01 0.39 6.08
C LEU B 84 28.14 1.69 6.86
N LYS B 85 27.00 2.22 7.31
CA LYS B 85 26.99 3.40 8.18
C LYS B 85 26.06 3.27 9.40
N ALA B 86 26.42 4.02 10.44
CA ALA B 86 25.60 4.19 11.64
C ALA B 86 25.70 5.66 12.03
N GLY B 87 24.73 6.46 11.57
CA GLY B 87 24.69 7.87 11.82
C GLY B 87 25.79 8.61 11.09
N LYS B 88 26.84 8.95 11.83
CA LYS B 88 28.01 9.64 11.30
C LYS B 88 29.19 8.73 10.98
N THR B 89 29.19 7.52 11.55
CA THR B 89 30.28 6.57 11.37
C THR B 89 30.14 5.80 10.04
N LEU B 90 31.18 5.88 9.19
CA LEU B 90 31.22 5.19 7.90
C LEU B 90 32.32 4.15 7.92
N GLN B 91 32.05 2.94 7.45
CA GLN B 91 33.07 1.89 7.38
C GLN B 91 32.94 1.07 6.10
N ILE B 92 34.08 0.67 5.54
CA ILE B 92 34.15 -0.09 4.29
C ILE B 92 34.89 -1.40 4.55
N PHE B 93 34.31 -2.52 4.10
CA PHE B 93 34.90 -3.85 4.31
C PHE B 93 35.05 -4.61 3.01
N ASN B 94 36.20 -5.27 2.84
CA ASN B 94 36.37 -6.27 1.79
C ASN B 94 35.99 -7.60 2.41
N ILE B 95 34.87 -8.16 1.98
CA ILE B 95 34.29 -9.37 2.61
C ILE B 95 35.19 -10.61 2.49
N GLU B 96 35.71 -10.87 1.30
N GLU B 96 35.69 -10.86 1.28
CA GLU B 96 36.58 -12.05 1.09
CA GLU B 96 36.58 -12.00 1.00
C GLU B 96 37.92 -11.97 1.82
C GLU B 96 37.90 -11.96 1.77
N MET B 97 38.41 -10.75 2.02
CA MET B 97 39.65 -10.53 2.78
C MET B 97 39.39 -10.42 4.30
N LYS B 98 38.12 -10.41 4.70
CA LYS B 98 37.68 -10.28 6.10
C LYS B 98 38.35 -9.11 6.77
N SER B 99 38.33 -7.94 6.14
CA SER B 99 39.11 -6.81 6.63
CA SER B 99 39.10 -6.82 6.65
C SER B 99 38.43 -5.47 6.46
N LYS B 100 38.76 -4.55 7.38
CA LYS B 100 38.22 -3.21 7.39
C LYS B 100 39.17 -2.34 6.61
N MET B 101 38.74 -1.88 5.45
N MET B 101 38.72 -1.97 5.40
CA MET B 101 39.61 -1.16 4.55
CA MET B 101 39.48 -1.15 4.46
C MET B 101 39.63 0.35 4.79
C MET B 101 39.64 0.27 5.01
N LYS B 102 38.51 0.92 5.26
CA LYS B 102 38.47 2.34 5.60
CA LYS B 102 38.49 2.34 5.61
C LYS B 102 37.43 2.62 6.69
N ALA B 103 37.62 3.71 7.42
CA ALA B 103 36.64 4.23 8.37
C ALA B 103 36.73 5.76 8.40
N HIS B 104 35.59 6.44 8.43
CA HIS B 104 35.55 7.89 8.54
C HIS B 104 34.34 8.32 9.35
N THR B 105 34.52 9.29 10.24
CA THR B 105 33.40 9.89 10.97
C THR B 105 33.07 11.29 10.45
N MET B 106 31.87 11.47 9.92
CA MET B 106 31.43 12.78 9.38
C MET B 106 31.01 13.72 10.51
N THR B 107 30.93 15.02 10.24
CA THR B 107 30.40 15.95 11.24
C THR B 107 28.87 15.99 11.25
N ASP B 108 28.23 15.63 10.12
CA ASP B 108 26.76 15.60 9.99
C ASP B 108 26.30 14.19 9.60
N ASP B 109 25.10 13.80 10.02
CA ASP B 109 24.52 12.53 9.58
C ASP B 109 24.38 12.47 8.05
N VAL B 110 24.64 11.28 7.49
CA VAL B 110 24.45 10.96 6.08
C VAL B 110 23.05 10.39 5.84
N THR B 111 22.19 11.15 5.18
CA THR B 111 20.80 10.77 4.96
C THR B 111 20.54 9.94 3.68
N PHE B 112 21.46 10.00 2.71
CA PHE B 112 21.39 9.18 1.49
C PHE B 112 22.82 8.97 0.99
N TRP B 113 23.10 7.78 0.49
CA TRP B 113 24.39 7.50 -0.14
C TRP B 113 24.25 6.40 -1.20
N LYS B 114 25.28 6.30 -2.04
CA LYS B 114 25.22 5.51 -3.24
C LYS B 114 26.61 5.39 -3.86
N TRP B 115 26.90 4.25 -4.50
CA TRP B 115 28.09 4.15 -5.36
C TRP B 115 27.81 4.84 -6.72
N ILE B 116 28.65 5.77 -7.11
CA ILE B 116 28.51 6.48 -8.41
C ILE B 116 29.51 5.98 -9.46
N SER B 117 30.42 5.11 -9.07
CA SER B 117 31.37 4.47 -9.97
C SER B 117 31.88 3.19 -9.35
N LEU B 118 32.81 2.53 -10.04
CA LEU B 118 33.44 1.33 -9.48
C LEU B 118 34.26 1.60 -8.22
N ASN B 119 34.63 2.87 -7.98
CA ASN B 119 35.50 3.17 -6.83
C ASN B 119 35.21 4.41 -5.99
N THR B 120 34.03 5.01 -6.15
CA THR B 120 33.67 6.26 -5.47
C THR B 120 32.23 6.17 -4.94
N VAL B 121 32.07 6.50 -3.65
CA VAL B 121 30.79 6.61 -2.96
C VAL B 121 30.39 8.09 -2.89
N ALA B 122 29.13 8.41 -3.22
CA ALA B 122 28.54 9.75 -2.97
C ALA B 122 27.79 9.79 -1.65
N LEU B 123 28.02 10.85 -0.86
CA LEU B 123 27.39 11.03 0.46
C LEU B 123 26.56 12.33 0.46
N VAL B 124 25.27 12.22 0.84
CA VAL B 124 24.38 13.38 0.98
C VAL B 124 24.00 13.55 2.46
N THR B 125 24.28 14.76 2.98
CA THR B 125 23.81 15.21 4.31
C THR B 125 22.60 16.13 4.15
N ASP B 126 22.05 16.61 5.27
CA ASP B 126 21.02 17.65 5.22
C ASP B 126 21.53 18.92 4.50
N ASN B 127 22.85 19.17 4.51
CA ASN B 127 23.43 20.43 4.02
C ASN B 127 24.26 20.40 2.72
N ALA B 128 24.76 19.23 2.30
CA ALA B 128 25.80 19.18 1.25
C ALA B 128 25.99 17.81 0.65
N VAL B 129 26.77 17.75 -0.44
CA VAL B 129 27.07 16.54 -1.17
C VAL B 129 28.59 16.36 -1.24
N TYR B 130 29.06 15.14 -0.95
CA TYR B 130 30.48 14.76 -0.88
C TYR B 130 30.77 13.54 -1.79
N HIS B 131 31.99 13.50 -2.37
CA HIS B 131 32.49 12.30 -3.05
C HIS B 131 33.64 11.69 -2.25
N TRP B 132 33.64 10.37 -2.13
CA TRP B 132 34.67 9.65 -1.38
C TRP B 132 35.25 8.53 -2.24
N SER B 133 36.46 8.74 -2.75
CA SER B 133 37.19 7.73 -3.51
C SER B 133 37.81 6.68 -2.60
N MET B 134 37.75 5.41 -3.03
CA MET B 134 38.45 4.31 -2.35
C MET B 134 39.93 4.17 -2.71
N GLU B 135 40.45 4.98 -3.64
CA GLU B 135 41.88 4.90 -4.00
C GLU B 135 42.79 5.54 -2.95
N GLY B 136 43.91 4.88 -2.61
CA GLY B 136 44.88 5.42 -1.68
C GLY B 136 44.30 5.79 -0.31
N GLU B 137 44.72 6.93 0.23
CA GLU B 137 44.23 7.42 1.52
C GLU B 137 43.23 8.59 1.39
N SER B 138 42.42 8.60 0.35
CA SER B 138 41.45 9.68 0.14
C SER B 138 40.37 9.72 1.23
N GLN B 139 39.97 10.95 1.55
CA GLN B 139 38.85 11.24 2.46
C GLN B 139 37.70 11.90 1.69
N PRO B 140 36.49 11.94 2.29
CA PRO B 140 35.39 12.61 1.58
C PRO B 140 35.68 14.09 1.28
N VAL B 141 35.31 14.51 0.07
CA VAL B 141 35.55 15.87 -0.44
C VAL B 141 34.17 16.53 -0.69
N LYS B 142 33.93 17.70 -0.10
CA LYS B 142 32.71 18.44 -0.36
C LYS B 142 32.70 19.01 -1.79
N MET B 143 31.74 18.55 -2.59
CA MET B 143 31.56 18.96 -3.96
C MET B 143 30.70 20.22 -4.09
N PHE B 144 29.57 20.26 -3.39
CA PHE B 144 28.68 21.44 -3.41
C PHE B 144 27.74 21.46 -2.21
N ASP B 145 27.20 22.65 -1.95
CA ASP B 145 26.21 22.85 -0.89
C ASP B 145 24.81 22.73 -1.48
N ARG B 146 23.89 22.15 -0.69
CA ARG B 146 22.50 21.96 -1.12
C ARG B 146 21.71 23.25 -1.32
N HIS B 147 20.89 23.27 -2.38
CA HIS B 147 20.04 24.39 -2.73
C HIS B 147 18.78 24.33 -1.84
N SER B 148 18.26 25.48 -1.43
CA SER B 148 17.12 25.54 -0.49
C SER B 148 15.79 24.95 -1.05
N SER B 149 15.65 24.89 -2.37
CA SER B 149 14.53 24.22 -3.03
C SER B 149 14.37 22.72 -2.69
N LEU B 150 15.43 22.04 -2.25
CA LEU B 150 15.32 20.65 -1.80
C LEU B 150 15.15 20.46 -0.27
N ALA B 151 14.99 21.55 0.49
CA ALA B 151 14.89 21.44 1.95
C ALA B 151 13.56 20.76 2.31
N GLY B 152 13.63 19.78 3.20
CA GLY B 152 12.44 19.01 3.57
C GLY B 152 12.02 17.89 2.60
N CYS B 153 12.72 17.72 1.47
CA CYS B 153 12.40 16.66 0.54
C CYS B 153 12.98 15.34 1.00
N GLN B 154 12.31 14.26 0.59
CA GLN B 154 12.90 12.92 0.68
C GLN B 154 13.89 12.76 -0.47
N ILE B 155 15.18 12.59 -0.16
CA ILE B 155 16.19 12.38 -1.19
C ILE B 155 16.04 10.95 -1.74
N ILE B 156 15.89 10.85 -3.06
CA ILE B 156 15.69 9.57 -3.72
C ILE B 156 16.75 9.17 -4.75
N ASN B 157 17.60 10.09 -5.21
CA ASN B 157 18.68 9.73 -6.12
C ASN B 157 19.77 10.80 -6.25
N TYR B 158 20.92 10.34 -6.75
CA TYR B 158 22.05 11.19 -7.08
C TYR B 158 22.77 10.54 -8.25
N ARG B 159 23.04 11.31 -9.30
CA ARG B 159 23.67 10.79 -10.53
C ARG B 159 24.69 11.78 -11.05
N THR B 160 25.65 11.27 -11.82
CA THR B 160 26.63 12.13 -12.52
C THR B 160 26.82 11.68 -13.96
N ASP B 161 27.45 12.54 -14.77
CA ASP B 161 27.92 12.16 -16.08
C ASP B 161 29.22 11.31 -15.95
N ALA B 162 29.67 10.75 -17.07
CA ALA B 162 30.83 9.86 -17.09
C ALA B 162 32.09 10.50 -16.53
N LYS B 163 32.33 11.77 -16.85
CA LYS B 163 33.50 12.51 -16.37
C LYS B 163 33.38 13.14 -14.97
N GLN B 164 32.22 13.00 -14.33
CA GLN B 164 31.96 13.58 -12.99
C GLN B 164 32.14 15.13 -12.96
N LYS B 165 31.72 15.78 -14.05
CA LYS B 165 31.69 17.24 -14.19
C LYS B 165 30.28 17.83 -14.08
N TRP B 166 29.25 17.00 -14.20
CA TRP B 166 27.86 17.41 -14.09
C TRP B 166 27.22 16.50 -13.05
N LEU B 167 26.67 17.10 -11.99
CA LEU B 167 26.14 16.38 -10.83
C LEU B 167 24.66 16.69 -10.63
N LEU B 168 23.86 15.69 -10.23
CA LEU B 168 22.42 15.86 -10.12
C LEU B 168 21.85 15.17 -8.87
N LEU B 169 21.30 15.98 -7.95
CA LEU B 169 20.59 15.51 -6.75
C LEU B 169 19.07 15.67 -6.91
N THR B 170 18.31 14.63 -6.53
CA THR B 170 16.84 14.62 -6.69
C THR B 170 16.11 14.28 -5.38
N GLY B 171 15.13 15.11 -5.04
CA GLY B 171 14.22 14.87 -3.92
C GLY B 171 12.75 15.02 -4.32
N ILE B 172 11.85 14.50 -3.47
CA ILE B 172 10.41 14.64 -3.64
C ILE B 172 9.69 15.00 -2.33
N SER B 173 8.50 15.59 -2.48
CA SER B 173 7.61 15.94 -1.38
C SER B 173 6.20 16.12 -1.93
N ALA B 174 5.21 16.29 -1.06
CA ALA B 174 3.83 16.58 -1.48
C ALA B 174 3.60 18.08 -1.48
N GLN B 175 3.15 18.63 -2.61
N GLN B 175 3.13 18.64 -2.59
CA GLN B 175 2.67 20.01 -2.72
CA GLN B 175 2.67 20.02 -2.64
C GLN B 175 1.37 19.99 -3.48
C GLN B 175 1.40 20.05 -3.50
N GLN B 176 0.36 20.71 -2.99
CA GLN B 176 -0.97 20.76 -3.63
C GLN B 176 -1.53 19.39 -4.01
N ASN B 177 -1.43 18.46 -3.06
CA ASN B 177 -1.91 17.10 -3.21
C ASN B 177 -1.37 16.31 -4.41
N ARG B 178 -0.11 16.56 -4.78
CA ARG B 178 0.60 15.76 -5.78
C ARG B 178 2.08 15.61 -5.40
N VAL B 179 2.73 14.57 -5.93
CA VAL B 179 4.15 14.34 -5.67
C VAL B 179 4.97 15.26 -6.58
N VAL B 180 5.66 16.22 -5.97
CA VAL B 180 6.48 17.21 -6.72
C VAL B 180 7.95 16.85 -6.60
N GLY B 181 8.62 16.81 -7.75
CA GLY B 181 10.07 16.57 -7.80
C GLY B 181 10.90 17.84 -7.88
N ALA B 182 11.99 17.87 -7.11
CA ALA B 182 12.93 19.00 -7.06
C ALA B 182 14.35 18.47 -7.29
N MET B 183 14.99 18.99 -8.34
CA MET B 183 16.36 18.61 -8.72
C MET B 183 17.32 19.77 -8.55
N GLN B 184 18.57 19.43 -8.23
CA GLN B 184 19.68 20.41 -8.22
C GLN B 184 20.75 19.93 -9.19
N LEU B 185 20.91 20.66 -10.31
CA LEU B 185 21.98 20.39 -11.27
C LEU B 185 23.18 21.27 -10.90
N TYR B 186 24.36 20.68 -10.74
CA TYR B 186 25.59 21.43 -10.47
C TYR B 186 26.69 21.23 -11.53
N SER B 187 27.30 22.33 -11.96
CA SER B 187 28.49 22.31 -12.85
C SER B 187 29.77 22.43 -12.03
N VAL B 188 30.56 21.36 -12.00
CA VAL B 188 31.89 21.36 -11.35
C VAL B 188 32.84 22.45 -11.96
N ASP B 189 32.80 22.64 -13.28
CA ASP B 189 33.67 23.64 -13.92
C ASP B 189 33.25 25.09 -13.70
N ARG B 190 31.94 25.35 -13.64
N ARG B 190 31.94 25.36 -13.66
CA ARG B 190 31.41 26.70 -13.41
CA ARG B 190 31.44 26.72 -13.41
C ARG B 190 31.14 27.02 -11.94
C ARG B 190 31.13 27.03 -11.94
N LYS B 191 31.06 25.99 -11.09
CA LYS B 191 30.74 26.16 -9.63
C LYS B 191 29.41 26.92 -9.41
N VAL B 192 28.39 26.52 -10.17
CA VAL B 192 27.05 27.12 -10.16
C VAL B 192 26.01 25.98 -10.14
N SER B 193 24.90 26.21 -9.42
CA SER B 193 23.74 25.30 -9.39
C SER B 193 22.56 25.90 -10.14
N GLN B 194 21.71 25.04 -10.68
CA GLN B 194 20.41 25.42 -11.23
C GLN B 194 19.33 24.50 -10.66
N PRO B 195 18.29 25.09 -10.03
CA PRO B 195 17.15 24.27 -9.61
C PRO B 195 16.23 23.97 -10.79
N ILE B 196 15.75 22.73 -10.87
CA ILE B 196 14.89 22.26 -11.97
C ILE B 196 13.76 21.38 -11.39
N GLU B 197 12.50 21.60 -11.81
CA GLU B 197 11.42 20.67 -11.49
C GLU B 197 11.57 19.38 -12.32
N GLY B 198 11.77 18.24 -11.64
CA GLY B 198 11.92 16.96 -12.32
C GLY B 198 11.83 15.79 -11.37
N HIS B 199 11.50 14.61 -11.91
CA HIS B 199 11.26 13.38 -11.08
C HIS B 199 12.31 12.30 -11.27
N ALA B 200 12.75 12.08 -12.51
CA ALA B 200 13.77 11.06 -12.81
C ALA B 200 14.66 11.50 -13.98
N ALA B 201 15.93 11.06 -13.99
CA ALA B 201 16.93 11.53 -14.93
C ALA B 201 18.12 10.58 -15.11
N SER B 202 18.88 10.85 -16.18
CA SER B 202 20.17 10.20 -16.43
C SER B 202 20.99 11.04 -17.40
N PHE B 203 22.32 10.94 -17.28
CA PHE B 203 23.24 11.44 -18.31
C PHE B 203 23.53 10.33 -19.33
N ALA B 204 24.08 10.70 -20.49
CA ALA B 204 24.53 9.74 -21.48
C ALA B 204 25.60 10.36 -22.40
N GLN B 205 26.51 9.52 -22.89
CA GLN B 205 27.41 9.91 -23.97
C GLN B 205 26.77 9.51 -25.32
N PHE B 206 26.79 10.43 -26.29
CA PHE B 206 26.15 10.23 -27.60
C PHE B 206 26.99 10.92 -28.68
N LYS B 207 27.44 10.14 -29.67
CA LYS B 207 28.23 10.71 -30.73
C LYS B 207 27.35 11.00 -31.94
N MET B 208 27.15 12.29 -32.22
CA MET B 208 26.27 12.73 -33.30
C MET B 208 26.91 12.47 -34.66
N GLU B 209 26.05 12.13 -35.62
CA GLU B 209 26.45 12.05 -37.04
C GLU B 209 27.23 13.31 -37.43
N GLY B 210 28.42 13.13 -37.99
CA GLY B 210 29.28 14.25 -38.38
C GLY B 210 30.25 14.80 -37.32
N ASN B 211 30.09 14.41 -36.05
CA ASN B 211 30.95 14.93 -34.98
C ASN B 211 32.08 13.96 -34.67
N ALA B 212 33.28 14.52 -34.45
CA ALA B 212 34.46 13.74 -34.05
C ALA B 212 34.42 13.32 -32.58
N GLU B 213 33.84 14.15 -31.70
CA GLU B 213 33.78 13.87 -30.26
C GLU B 213 32.35 13.59 -29.78
N GLU B 214 32.23 12.79 -28.73
CA GLU B 214 30.95 12.53 -28.05
C GLU B 214 30.37 13.81 -27.43
N SER B 215 29.05 13.96 -27.53
CA SER B 215 28.28 14.92 -26.73
C SER B 215 27.91 14.31 -25.37
N THR B 216 27.88 15.14 -24.33
CA THR B 216 27.30 14.74 -23.04
C THR B 216 25.85 15.22 -22.96
N LEU B 217 24.90 14.29 -22.89
CA LEU B 217 23.48 14.66 -22.85
C LEU B 217 22.91 14.47 -21.45
N PHE B 218 21.92 15.30 -21.13
CA PHE B 218 21.16 15.25 -19.90
C PHE B 218 19.70 15.00 -20.27
N CYS B 219 19.12 13.90 -19.78
N CYS B 219 19.13 13.92 -19.74
CA CYS B 219 17.75 13.53 -20.06
CA CYS B 219 17.78 13.53 -20.04
C CYS B 219 17.00 13.46 -18.75
C CYS B 219 17.00 13.47 -18.73
N PHE B 220 15.90 14.22 -18.64
CA PHE B 220 15.04 14.20 -17.44
C PHE B 220 13.57 14.19 -17.76
N ALA B 221 12.82 13.45 -16.94
CA ALA B 221 11.37 13.34 -17.06
C ALA B 221 10.68 13.94 -15.82
N VAL B 222 9.50 14.52 -16.04
CA VAL B 222 8.75 15.24 -15.01
C VAL B 222 7.24 15.11 -15.29
N ARG B 223 6.44 14.99 -14.23
CA ARG B 223 5.00 15.19 -14.30
C ARG B 223 4.75 16.51 -13.57
N GLY B 224 4.46 17.54 -14.36
CA GLY B 224 4.24 18.88 -13.84
C GLY B 224 2.77 19.14 -13.74
N GLN B 225 2.43 20.39 -13.44
CA GLN B 225 1.04 20.86 -13.48
C GLN B 225 0.49 20.69 -14.91
N ALA B 226 1.33 21.02 -15.89
CA ALA B 226 1.02 20.84 -17.33
C ALA B 226 1.22 19.40 -17.90
N GLY B 227 1.24 18.37 -17.05
CA GLY B 227 1.34 16.98 -17.51
C GLY B 227 2.77 16.47 -17.64
N GLY B 228 2.92 15.31 -18.27
CA GLY B 228 4.21 14.65 -18.36
C GLY B 228 5.06 15.19 -19.50
N LYS B 229 6.36 15.40 -19.24
CA LYS B 229 7.33 15.83 -20.27
CA LYS B 229 7.31 15.80 -20.28
C LYS B 229 8.67 15.11 -20.10
N LEU B 230 9.32 14.82 -21.22
CA LEU B 230 10.68 14.28 -21.26
C LEU B 230 11.55 15.23 -22.12
N HIS B 231 12.73 15.54 -21.59
CA HIS B 231 13.64 16.54 -22.16
C HIS B 231 14.98 15.88 -22.42
N ILE B 232 15.58 16.19 -23.56
CA ILE B 232 16.92 15.73 -23.91
C ILE B 232 17.73 16.97 -24.37
N ILE B 233 18.81 17.25 -23.66
CA ILE B 233 19.56 18.51 -23.84
C ILE B 233 21.05 18.32 -23.57
N GLU B 234 21.90 18.93 -24.42
CA GLU B 234 23.34 18.88 -24.22
C GLU B 234 23.71 19.79 -23.06
N VAL B 235 24.61 19.31 -22.19
CA VAL B 235 25.11 20.11 -21.06
C VAL B 235 26.49 20.65 -21.38
N GLY B 236 26.67 21.96 -21.24
CA GLY B 236 27.98 22.59 -21.40
C GLY B 236 28.25 22.97 -22.86
N THR B 237 29.46 23.45 -23.12
CA THR B 237 29.90 23.87 -24.45
C THR B 237 30.27 22.66 -25.27
N PRO B 238 29.80 22.55 -26.53
CA PRO B 238 30.19 21.40 -27.35
C PRO B 238 31.70 21.34 -27.52
N PRO B 239 32.29 20.12 -27.56
CA PRO B 239 33.72 20.02 -27.89
C PRO B 239 34.06 20.81 -29.15
N THR B 240 35.25 21.39 -29.24
CA THR B 240 35.60 22.25 -30.39
C THR B 240 35.48 21.45 -31.69
N GLY B 241 34.86 22.03 -32.72
CA GLY B 241 34.58 21.32 -33.97
C GLY B 241 33.20 20.66 -34.07
N ASN B 242 32.59 20.27 -32.94
CA ASN B 242 31.26 19.64 -32.96
C ASN B 242 30.09 20.53 -33.33
N GLN B 243 29.15 19.98 -34.10
CA GLN B 243 27.79 20.51 -34.19
C GLN B 243 27.10 20.36 -32.81
N PRO B 244 26.40 21.41 -32.31
CA PRO B 244 25.62 21.24 -31.07
C PRO B 244 24.41 20.32 -31.24
N PHE B 245 24.09 19.57 -30.19
CA PHE B 245 22.93 18.66 -30.22
C PHE B 245 21.64 19.48 -30.21
N PRO B 246 20.72 19.25 -31.16
CA PRO B 246 19.43 19.97 -31.11
C PRO B 246 18.55 19.47 -29.97
N LYS B 247 18.16 20.34 -29.04
CA LYS B 247 17.37 19.91 -27.87
C LYS B 247 15.94 19.53 -28.23
N LYS B 248 15.38 18.56 -27.50
CA LYS B 248 14.02 18.04 -27.74
C LYS B 248 13.24 18.00 -26.41
N ALA B 249 11.94 18.26 -26.51
CA ALA B 249 11.03 18.04 -25.40
C ALA B 249 9.78 17.36 -25.96
N VAL B 250 9.37 16.24 -25.35
CA VAL B 250 8.30 15.40 -25.85
C VAL B 250 7.35 15.00 -24.70
N ASP B 251 6.10 14.70 -25.02
CA ASP B 251 5.09 14.29 -24.02
C ASP B 251 5.40 12.93 -23.35
N VAL B 252 5.09 12.80 -22.05
CA VAL B 252 5.11 11.51 -21.33
C VAL B 252 3.64 11.25 -20.97
N PHE B 253 3.07 10.15 -21.47
CA PHE B 253 1.64 9.90 -21.31
C PHE B 253 1.34 9.27 -19.95
N PHE B 254 0.36 9.85 -19.24
CA PHE B 254 -0.24 9.21 -18.04
C PHE B 254 -1.72 9.01 -18.32
N PRO B 255 -2.22 7.76 -18.21
CA PRO B 255 -3.66 7.60 -18.45
C PRO B 255 -4.51 8.33 -17.39
N PRO B 256 -5.76 8.70 -17.73
CA PRO B 256 -6.67 9.42 -16.82
C PRO B 256 -6.89 8.71 -15.48
N GLU B 257 -6.84 7.38 -15.51
CA GLU B 257 -7.04 6.53 -14.35
C GLU B 257 -5.84 6.53 -13.39
N ALA B 258 -4.69 7.06 -13.83
CA ALA B 258 -3.49 7.14 -13.01
C ALA B 258 -3.15 8.58 -12.61
N GLN B 259 -3.99 9.18 -11.77
CA GLN B 259 -3.80 10.58 -11.37
C GLN B 259 -2.60 10.89 -10.46
N ASN B 260 -2.12 9.89 -9.70
CA ASN B 260 -1.06 10.12 -8.73
C ASN B 260 0.29 9.52 -9.14
N ASP B 261 0.35 8.80 -10.26
CA ASP B 261 1.58 8.15 -10.68
C ASP B 261 2.59 9.21 -11.16
N PHE B 262 3.87 8.92 -10.98
CA PHE B 262 4.97 9.80 -11.43
C PHE B 262 6.19 8.97 -11.86
N PRO B 263 7.12 9.58 -12.64
CA PRO B 263 8.32 8.83 -13.04
C PRO B 263 9.22 8.54 -11.83
N VAL B 264 9.75 7.32 -11.71
CA VAL B 264 10.67 7.01 -10.59
C VAL B 264 12.06 6.55 -10.99
N ALA B 265 12.25 6.08 -12.23
CA ALA B 265 13.56 5.57 -12.62
C ALA B 265 13.80 5.75 -14.12
N MET B 266 15.07 5.97 -14.48
CA MET B 266 15.51 6.08 -15.88
C MET B 266 16.84 5.36 -16.06
N GLN B 267 16.94 4.54 -17.09
CA GLN B 267 18.25 4.03 -17.55
C GLN B 267 18.37 4.21 -19.08
N ILE B 268 19.57 4.55 -19.53
CA ILE B 268 19.80 4.78 -20.96
C ILE B 268 20.77 3.72 -21.49
N SER B 269 20.37 3.02 -22.54
CA SER B 269 21.23 2.08 -23.24
C SER B 269 22.07 2.84 -24.28
N GLU B 270 23.38 2.88 -24.07
CA GLU B 270 24.30 3.44 -25.06
C GLU B 270 24.65 2.43 -26.16
N LYS B 271 24.29 1.16 -25.96
CA LYS B 271 24.30 0.18 -27.05
C LYS B 271 23.25 0.47 -28.14
N HIS B 272 22.03 0.80 -27.73
CA HIS B 272 20.91 1.01 -28.66
C HIS B 272 20.46 2.45 -28.84
N ASP B 273 20.98 3.35 -27.99
CA ASP B 273 20.57 4.75 -27.93
C ASP B 273 19.05 4.88 -27.72
N VAL B 274 18.58 4.23 -26.65
CA VAL B 274 17.20 4.31 -26.20
C VAL B 274 17.14 4.60 -24.69
N VAL B 275 16.05 5.25 -24.28
CA VAL B 275 15.78 5.63 -22.89
C VAL B 275 14.64 4.73 -22.36
N PHE B 276 14.90 4.03 -21.25
CA PHE B 276 13.86 3.25 -20.51
C PHE B 276 13.39 4.11 -19.36
N LEU B 277 12.10 4.36 -19.28
CA LEU B 277 11.52 5.14 -18.19
C LEU B 277 10.50 4.28 -17.47
N ILE B 278 10.65 4.11 -16.16
CA ILE B 278 9.67 3.38 -15.32
C ILE B 278 8.97 4.32 -14.34
N THR B 279 7.65 4.15 -14.17
CA THR B 279 6.85 4.94 -13.20
C THR B 279 6.68 4.18 -11.87
N LYS B 280 6.27 4.93 -10.84
CA LYS B 280 6.07 4.39 -9.49
C LYS B 280 5.15 3.18 -9.54
N TYR B 281 4.04 3.31 -10.27
CA TYR B 281 3.02 2.25 -10.34
C TYR B 281 3.19 1.23 -11.48
N GLY B 282 4.41 1.09 -11.99
CA GLY B 282 4.79 -0.05 -12.83
C GLY B 282 4.61 0.07 -14.33
N TYR B 283 4.54 1.29 -14.87
CA TYR B 283 4.45 1.49 -16.34
C TYR B 283 5.85 1.68 -16.95
N ILE B 284 6.13 1.00 -18.07
CA ILE B 284 7.40 1.12 -18.81
C ILE B 284 7.16 1.95 -20.08
N HIS B 285 8.08 2.88 -20.35
CA HIS B 285 8.08 3.71 -21.56
C HIS B 285 9.46 3.57 -22.23
N LEU B 286 9.49 3.46 -23.55
CA LEU B 286 10.75 3.40 -24.33
C LEU B 286 10.77 4.57 -25.31
N TYR B 287 11.86 5.34 -25.30
CA TYR B 287 12.08 6.47 -26.24
C TYR B 287 13.40 6.36 -27.00
N ASP B 288 13.43 6.85 -28.23
CA ASP B 288 14.71 7.01 -28.96
C ASP B 288 15.47 8.22 -28.36
N LEU B 289 16.72 7.99 -27.98
CA LEU B 289 17.60 9.05 -27.46
C LEU B 289 17.85 10.20 -28.48
N GLU B 290 17.98 9.87 -29.76
CA GLU B 290 18.33 10.87 -30.77
C GLU B 290 17.20 11.87 -31.02
N THR B 291 16.00 11.35 -31.22
CA THR B 291 14.84 12.14 -31.64
C THR B 291 13.82 12.42 -30.53
N GLY B 292 13.86 11.61 -29.47
CA GLY B 292 12.81 11.65 -28.45
C GLY B 292 11.52 10.92 -28.79
N THR B 293 11.45 10.25 -29.95
CA THR B 293 10.24 9.55 -30.36
C THR B 293 9.86 8.42 -29.39
N CYS B 294 8.59 8.36 -28.99
CA CYS B 294 8.10 7.27 -28.14
C CYS B 294 7.89 6.00 -28.95
N ILE B 295 8.62 4.94 -28.61
CA ILE B 295 8.55 3.66 -29.31
C ILE B 295 7.43 2.75 -28.73
N TYR B 296 7.31 2.71 -27.40
CA TYR B 296 6.44 1.73 -26.73
C TYR B 296 6.07 2.19 -25.30
N MET B 297 4.85 1.84 -24.88
N MET B 297 4.88 1.79 -24.84
CA MET B 297 4.42 1.99 -23.48
CA MET B 297 4.42 2.07 -23.48
C MET B 297 3.55 0.83 -23.07
C MET B 297 3.46 0.96 -23.03
N ASN B 298 3.67 0.40 -21.82
CA ASN B 298 2.78 -0.66 -21.26
C ASN B 298 2.93 -0.77 -19.73
N ARG B 299 1.91 -1.31 -19.04
CA ARG B 299 2.06 -1.62 -17.60
C ARG B 299 2.66 -3.01 -17.43
N ILE B 300 3.80 -3.11 -16.75
CA ILE B 300 4.51 -4.39 -16.54
C ILE B 300 4.62 -4.86 -15.09
N SER B 301 4.10 -4.10 -14.13
CA SER B 301 4.06 -4.50 -12.72
C SER B 301 2.80 -3.95 -12.04
N GLY B 302 2.11 -4.82 -11.29
CA GLY B 302 1.02 -4.38 -10.41
C GLY B 302 1.48 -3.74 -9.11
N GLU B 303 2.62 -4.21 -8.58
CA GLU B 303 3.24 -3.66 -7.39
C GLU B 303 4.22 -2.54 -7.77
N THR B 304 4.38 -1.59 -6.86
CA THR B 304 5.22 -0.42 -7.09
C THR B 304 6.70 -0.78 -7.17
N ILE B 305 7.43 0.00 -7.96
CA ILE B 305 8.86 -0.18 -8.18
C ILE B 305 9.61 0.88 -7.37
N PHE B 306 10.64 0.47 -6.63
CA PHE B 306 11.38 1.41 -5.76
C PHE B 306 12.89 1.45 -5.98
N VAL B 307 13.47 0.57 -6.78
CA VAL B 307 14.92 0.61 -7.05
C VAL B 307 15.18 -0.04 -8.40
N THR B 308 16.16 0.50 -9.14
CA THR B 308 16.57 -0.04 -10.43
C THR B 308 18.08 0.11 -10.65
N ALA B 309 18.61 -0.63 -11.62
CA ALA B 309 19.99 -0.52 -12.07
C ALA B 309 20.11 -0.91 -13.56
N PRO B 310 21.23 -0.54 -14.22
CA PRO B 310 21.53 -1.11 -15.53
C PRO B 310 21.65 -2.63 -15.49
N HIS B 311 21.04 -3.33 -16.44
CA HIS B 311 21.24 -4.73 -16.66
C HIS B 311 22.34 -4.88 -17.74
N GLU B 312 23.54 -5.29 -17.31
CA GLU B 312 24.73 -5.20 -18.16
C GLU B 312 24.67 -6.12 -19.39
N ALA B 313 24.18 -7.35 -19.21
CA ALA B 313 24.20 -8.35 -20.27
C ALA B 313 23.34 -7.96 -21.48
N THR B 314 22.27 -7.20 -21.25
CA THR B 314 21.32 -6.83 -22.30
C THR B 314 21.32 -5.34 -22.62
N ALA B 315 22.15 -4.56 -21.92
CA ALA B 315 22.04 -3.11 -21.85
C ALA B 315 20.62 -2.59 -21.54
N GLY B 316 19.88 -3.31 -20.68
CA GLY B 316 18.51 -2.94 -20.33
C GLY B 316 18.41 -2.37 -18.92
N ILE B 317 17.28 -2.62 -18.29
CA ILE B 317 17.01 -2.08 -16.95
C ILE B 317 16.50 -3.24 -16.08
N ILE B 318 17.06 -3.34 -14.86
CA ILE B 318 16.66 -4.34 -13.88
C ILE B 318 16.07 -3.61 -12.66
N GLY B 319 15.03 -4.17 -12.06
CA GLY B 319 14.35 -3.54 -10.92
C GLY B 319 13.70 -4.49 -9.91
N VAL B 320 13.37 -3.94 -8.73
CA VAL B 320 12.71 -4.71 -7.67
C VAL B 320 11.37 -4.03 -7.32
N ASN B 321 10.30 -4.82 -7.27
CA ASN B 321 9.01 -4.29 -6.83
C ASN B 321 8.75 -4.61 -5.36
N ARG B 322 7.67 -4.02 -4.84
N ARG B 322 7.69 -4.02 -4.81
CA ARG B 322 7.30 -4.10 -3.41
CA ARG B 322 7.39 -4.13 -3.37
C ARG B 322 7.07 -5.54 -2.89
C ARG B 322 7.10 -5.56 -2.89
N LYS B 323 6.68 -6.44 -3.80
CA LYS B 323 6.46 -7.88 -3.51
C LYS B 323 7.76 -8.71 -3.43
N GLY B 324 8.85 -8.17 -3.97
CA GLY B 324 10.12 -8.86 -4.08
C GLY B 324 10.39 -9.52 -5.43
N GLN B 325 9.58 -9.22 -6.46
CA GLN B 325 9.89 -9.66 -7.81
C GLN B 325 11.07 -8.85 -8.34
N VAL B 326 12.11 -9.55 -8.81
CA VAL B 326 13.25 -8.94 -9.51
C VAL B 326 13.00 -9.13 -11.02
N LEU B 327 12.86 -8.03 -11.75
CA LEU B 327 12.46 -8.08 -13.17
C LEU B 327 13.36 -7.20 -14.02
N SER B 328 13.51 -7.59 -15.29
CA SER B 328 14.20 -6.76 -16.28
C SER B 328 13.41 -6.59 -17.55
N VAL B 329 13.73 -5.50 -18.24
CA VAL B 329 13.24 -5.17 -19.57
C VAL B 329 14.47 -4.76 -20.43
N CYS B 330 14.50 -5.22 -21.67
CA CYS B 330 15.54 -4.83 -22.63
C CYS B 330 14.95 -4.74 -24.03
N VAL B 331 15.74 -4.23 -24.97
CA VAL B 331 15.38 -4.24 -26.38
C VAL B 331 15.42 -5.67 -26.89
N GLU B 332 14.35 -6.07 -27.58
CA GLU B 332 14.32 -7.34 -28.30
C GLU B 332 14.89 -7.06 -29.72
N GLU B 333 16.14 -7.46 -29.93
CA GLU B 333 16.89 -7.05 -31.13
C GLU B 333 16.38 -7.59 -32.45
N GLU B 334 15.62 -8.68 -32.42
CA GLU B 334 15.03 -9.25 -33.64
C GLU B 334 13.66 -8.69 -34.00
N ASN B 335 13.05 -7.94 -33.10
CA ASN B 335 11.70 -7.43 -33.28
C ASN B 335 11.58 -5.91 -33.41
N ILE B 336 12.53 -5.16 -32.85
CA ILE B 336 12.36 -3.71 -32.71
C ILE B 336 12.18 -3.00 -34.07
N ILE B 337 12.98 -3.34 -35.07
CA ILE B 337 12.90 -2.67 -36.38
C ILE B 337 11.57 -2.94 -37.11
N PRO B 338 11.18 -4.22 -37.32
CA PRO B 338 9.85 -4.42 -37.93
C PRO B 338 8.66 -3.92 -37.07
N TYR B 339 8.78 -3.88 -35.74
CA TYR B 339 7.75 -3.25 -34.89
C TYR B 339 7.58 -1.78 -35.23
N ILE B 340 8.70 -1.06 -35.32
CA ILE B 340 8.68 0.36 -35.63
C ILE B 340 8.13 0.57 -37.06
N THR B 341 8.55 -0.28 -37.99
CA THR B 341 8.08 -0.19 -39.37
C THR B 341 6.57 -0.44 -39.48
N ASN B 342 6.10 -1.54 -38.89
CA ASN B 342 4.74 -2.04 -39.16
C ASN B 342 3.68 -1.61 -38.15
N VAL B 343 4.00 -1.57 -36.87
CA VAL B 343 3.03 -1.14 -35.85
C VAL B 343 3.01 0.38 -35.67
N LEU B 344 4.16 1.00 -35.43
CA LEU B 344 4.24 2.47 -35.37
C LEU B 344 4.09 3.13 -36.72
N GLN B 345 4.34 2.40 -37.82
CA GLN B 345 4.30 2.95 -39.18
C GLN B 345 5.22 4.14 -39.33
N ASN B 346 6.46 3.96 -38.85
CA ASN B 346 7.49 4.98 -38.89
C ASN B 346 8.75 4.42 -39.57
N PRO B 347 8.69 4.26 -40.92
CA PRO B 347 9.86 3.74 -41.64
C PRO B 347 11.15 4.56 -41.50
N ASP B 348 11.03 5.87 -41.36
N ASP B 348 11.03 5.88 -41.37
CA ASP B 348 12.17 6.78 -41.19
CA ASP B 348 12.22 6.74 -41.22
C ASP B 348 12.96 6.43 -39.91
C ASP B 348 12.97 6.46 -39.90
N LEU B 349 12.24 6.30 -38.80
CA LEU B 349 12.87 5.88 -37.53
C LEU B 349 13.44 4.46 -37.61
N ALA B 350 12.67 3.54 -38.19
CA ALA B 350 13.11 2.16 -38.32
C ALA B 350 14.43 2.05 -39.10
N LEU B 351 14.53 2.76 -40.22
CA LEU B 351 15.72 2.70 -41.06
C LEU B 351 16.91 3.29 -40.30
N ARG B 352 16.69 4.41 -39.60
CA ARG B 352 17.76 5.06 -38.84
C ARG B 352 18.32 4.16 -37.74
N MET B 353 17.45 3.55 -36.93
CA MET B 353 17.88 2.68 -35.84
C MET B 353 18.59 1.42 -36.37
N ALA B 354 18.12 0.90 -37.50
CA ALA B 354 18.76 -0.27 -38.12
C ALA B 354 20.23 0.01 -38.49
N VAL B 355 20.52 1.12 -39.16
CA VAL B 355 21.90 1.41 -39.57
C VAL B 355 22.74 2.01 -38.44
N ARG B 356 22.13 2.82 -37.58
CA ARG B 356 22.84 3.47 -36.49
C ARG B 356 23.38 2.45 -35.48
N ASN B 357 22.56 1.47 -35.11
CA ASN B 357 22.91 0.47 -34.10
C ASN B 357 23.07 -0.96 -34.66
N ASN B 358 23.27 -1.09 -35.97
CA ASN B 358 23.49 -2.39 -36.62
C ASN B 358 22.47 -3.50 -36.28
N LEU B 359 21.17 -3.17 -36.38
CA LEU B 359 20.09 -4.12 -36.13
C LEU B 359 19.46 -4.62 -37.45
N ALA B 360 18.98 -5.86 -37.43
CA ALA B 360 18.36 -6.48 -38.60
C ALA B 360 16.88 -6.11 -38.72
N GLY B 361 16.36 -6.04 -39.95
CA GLY B 361 14.91 -5.93 -40.17
C GLY B 361 14.40 -4.84 -41.10
N ALA B 362 15.24 -3.86 -41.49
CA ALA B 362 14.85 -2.79 -42.44
C ALA B 362 15.27 -3.07 -43.92
N GLU B 363 15.55 -4.35 -44.22
CA GLU B 363 15.80 -4.83 -45.59
C GLU B 363 14.51 -4.74 -46.41
N GLU B 364 13.38 -4.96 -45.73
CA GLU B 364 12.03 -4.77 -46.26
C GLU B 364 11.35 -3.69 -45.40
N LEU B 365 10.89 -2.60 -46.04
CA LEU B 365 10.27 -1.43 -45.36
C LEU B 365 8.87 -1.10 -45.90
N GLU C 1 -51.41 -12.22 17.43
CA GLU C 1 -50.12 -11.95 18.11
C GLU C 1 -49.56 -10.60 17.63
N THR C 2 -49.08 -9.79 18.57
CA THR C 2 -48.44 -8.50 18.27
C THR C 2 -47.25 -8.29 19.21
N LEU C 3 -46.04 -8.22 18.65
CA LEU C 3 -44.82 -8.23 19.46
C LEU C 3 -44.42 -6.88 20.04
N LEU C 4 -45.04 -5.79 19.58
CA LEU C 4 -44.79 -4.44 20.06
C LEU C 4 -46.12 -3.73 20.32
N ASP C 5 -46.25 -3.15 21.51
CA ASP C 5 -47.44 -2.37 21.87
C ASP C 5 -47.16 -0.89 21.62
N LEU C 6 -47.77 -0.35 20.56
CA LEU C 6 -47.60 1.06 20.19
C LEU C 6 -48.79 1.97 20.60
N ASP C 7 -49.90 1.36 21.01
CA ASP C 7 -51.07 2.10 21.51
C ASP C 7 -51.08 2.09 23.04
N GLU D 1 34.95 0.63 17.30
CA GLU D 1 33.72 -0.12 16.92
C GLU D 1 33.82 -0.70 15.51
N THR D 2 32.98 -1.71 15.26
CA THR D 2 32.96 -2.43 13.99
C THR D 2 31.51 -2.70 13.59
N LEU D 3 31.09 -2.18 12.44
CA LEU D 3 29.69 -2.27 11.99
C LEU D 3 29.30 -3.60 11.34
N LEU D 4 30.29 -4.43 11.01
CA LEU D 4 30.06 -5.74 10.41
C LEU D 4 30.91 -6.80 11.12
N ASP D 5 30.26 -7.90 11.51
CA ASP D 5 30.95 -9.01 12.17
C ASP D 5 31.26 -10.07 11.12
N LEU D 6 32.53 -10.18 10.74
CA LEU D 6 32.99 -11.23 9.82
C LEU D 6 33.62 -12.45 10.52
N ASP D 7 33.85 -12.36 11.82
CA ASP D 7 34.23 -13.51 12.65
C ASP D 7 32.98 -14.20 13.19
N GLU E 1 -13.72 -27.13 -6.16
CA GLU E 1 -13.00 -25.84 -6.46
C GLU E 1 -13.04 -24.87 -5.28
N THR E 2 -11.96 -24.11 -5.11
CA THR E 2 -11.85 -23.10 -4.05
C THR E 2 -12.20 -21.71 -4.61
N LEU E 3 -12.60 -20.82 -3.71
CA LEU E 3 -12.93 -19.43 -4.09
C LEU E 3 -11.73 -18.51 -4.04
N LEU E 4 -10.86 -18.71 -3.04
CA LEU E 4 -9.70 -17.87 -2.80
C LEU E 4 -8.46 -18.72 -2.61
N ASP E 5 -7.38 -18.33 -3.28
CA ASP E 5 -6.07 -18.94 -3.08
C ASP E 5 -5.41 -18.22 -1.92
N LEU E 6 -5.39 -18.87 -0.76
CA LEU E 6 -4.82 -18.30 0.47
C LEU E 6 -3.44 -18.88 0.83
N ASP E 7 -2.71 -19.40 -0.17
CA ASP E 7 -1.27 -19.64 -0.03
C ASP E 7 -0.56 -18.42 -0.57
N PHE E 8 0.13 -17.71 0.31
CA PHE E 8 0.82 -16.46 -0.02
C PHE E 8 2.30 -16.71 -0.33
N ASP E 9 2.57 -17.77 -1.09
CA ASP E 9 3.89 -18.04 -1.67
C ASP E 9 3.87 -17.48 -3.08
N PRO E 10 4.83 -16.58 -3.40
CA PRO E 10 4.94 -16.05 -4.77
C PRO E 10 5.91 -16.86 -5.63
N GLU F 1 23.69 33.61 -13.54
CA GLU F 1 23.60 32.87 -14.84
C GLU F 1 23.00 31.47 -14.65
N THR F 2 22.34 30.98 -15.71
CA THR F 2 21.78 29.63 -15.73
C THR F 2 22.77 28.66 -16.39
N LEU F 3 22.59 27.37 -16.12
CA LEU F 3 23.38 26.33 -16.79
C LEU F 3 22.70 25.90 -18.08
N LEU F 4 21.38 25.75 -18.06
CA LEU F 4 20.60 25.27 -19.19
C LEU F 4 19.45 26.21 -19.52
N ASP F 5 19.26 26.44 -20.82
CA ASP F 5 18.10 27.15 -21.33
C ASP F 5 16.98 26.12 -21.49
N LEU F 6 15.97 26.22 -20.63
CA LEU F 6 14.81 25.31 -20.68
C LEU F 6 13.56 25.93 -21.32
N ASP F 7 13.76 26.93 -22.19
CA ASP F 7 12.69 27.43 -23.05
C ASP F 7 12.81 26.75 -24.40
N PHE F 8 11.91 25.80 -24.66
CA PHE F 8 11.98 24.95 -25.86
C PHE F 8 11.27 25.55 -27.09
N ASP F 9 10.87 26.82 -27.01
CA ASP F 9 10.44 27.58 -28.20
C ASP F 9 11.67 27.88 -29.08
N PRO F 10 11.52 27.75 -30.42
CA PRO F 10 12.66 27.91 -31.33
C PRO F 10 13.05 29.37 -31.51
#